data_6QJS
# 
_entry.id   6QJS 
# 
_audit_conform.dict_name       mmcif_pdbx.dic 
_audit_conform.dict_version    5.383 
_audit_conform.dict_location   http://mmcif.pdb.org/dictionaries/ascii/mmcif_pdbx.dic 
# 
loop_
_database_2.database_id 
_database_2.database_code 
_database_2.pdbx_database_accession 
_database_2.pdbx_DOI 
PDB   6QJS         pdb_00006qjs 10.2210/pdb6qjs/pdb 
WWPDB D_1292100297 ?            ?                   
# 
loop_
_pdbx_audit_revision_history.ordinal 
_pdbx_audit_revision_history.data_content_type 
_pdbx_audit_revision_history.major_revision 
_pdbx_audit_revision_history.minor_revision 
_pdbx_audit_revision_history.revision_date 
1 'Structure model' 1 0 2020-02-12 
2 'Structure model' 1 1 2021-02-24 
3 'Structure model' 1 2 2024-01-24 
# 
_pdbx_audit_revision_details.ordinal             1 
_pdbx_audit_revision_details.revision_ordinal    1 
_pdbx_audit_revision_details.data_content_type   'Structure model' 
_pdbx_audit_revision_details.provider            repository 
_pdbx_audit_revision_details.type                'Initial release' 
_pdbx_audit_revision_details.description         ? 
_pdbx_audit_revision_details.details             ? 
# 
loop_
_pdbx_audit_revision_group.ordinal 
_pdbx_audit_revision_group.revision_ordinal 
_pdbx_audit_revision_group.data_content_type 
_pdbx_audit_revision_group.group 
1 2 'Structure model' 'Database references'    
2 2 'Structure model' 'Derived calculations'   
3 3 'Structure model' 'Data collection'        
4 3 'Structure model' 'Database references'    
5 3 'Structure model' 'Refinement description' 
# 
loop_
_pdbx_audit_revision_category.ordinal 
_pdbx_audit_revision_category.revision_ordinal 
_pdbx_audit_revision_category.data_content_type 
_pdbx_audit_revision_category.category 
1 2 'Structure model' citation                      
2 2 'Structure model' citation_author               
3 2 'Structure model' struct_conn                   
4 3 'Structure model' chem_comp_atom                
5 3 'Structure model' chem_comp_bond                
6 3 'Structure model' database_2                    
7 3 'Structure model' pdbx_initial_refinement_model 
# 
loop_
_pdbx_audit_revision_item.ordinal 
_pdbx_audit_revision_item.revision_ordinal 
_pdbx_audit_revision_item.data_content_type 
_pdbx_audit_revision_item.item 
1  2 'Structure model' '_citation.country'                   
2  2 'Structure model' '_citation.journal_abbrev'            
3  2 'Structure model' '_citation.journal_id_ASTM'           
4  2 'Structure model' '_citation.journal_id_CSD'            
5  2 'Structure model' '_citation.journal_id_ISSN'           
6  2 'Structure model' '_citation.journal_volume'            
7  2 'Structure model' '_citation.page_first'                
8  2 'Structure model' '_citation.page_last'                 
9  2 'Structure model' '_citation.pdbx_database_id_DOI'      
10 2 'Structure model' '_citation.pdbx_database_id_PubMed'   
11 2 'Structure model' '_citation.title'                     
12 2 'Structure model' '_citation.year'                      
13 2 'Structure model' '_struct_conn.conn_type_id'           
14 2 'Structure model' '_struct_conn.id'                     
15 2 'Structure model' '_struct_conn.pdbx_dist_value'        
16 2 'Structure model' '_struct_conn.pdbx_leaving_atom_flag' 
17 2 'Structure model' '_struct_conn.ptnr1_auth_asym_id'     
18 2 'Structure model' '_struct_conn.ptnr1_auth_comp_id'     
19 2 'Structure model' '_struct_conn.ptnr1_auth_seq_id'      
20 2 'Structure model' '_struct_conn.ptnr1_label_asym_id'    
21 2 'Structure model' '_struct_conn.ptnr1_label_atom_id'    
22 2 'Structure model' '_struct_conn.ptnr1_label_comp_id'    
23 2 'Structure model' '_struct_conn.ptnr1_label_seq_id'     
24 2 'Structure model' '_struct_conn.ptnr2_auth_comp_id'     
25 2 'Structure model' '_struct_conn.ptnr2_auth_seq_id'      
26 2 'Structure model' '_struct_conn.ptnr2_label_asym_id'    
27 2 'Structure model' '_struct_conn.ptnr2_label_atom_id'    
28 2 'Structure model' '_struct_conn.ptnr2_label_comp_id'    
29 2 'Structure model' '_struct_conn.ptnr2_label_seq_id'     
30 2 'Structure model' '_struct_conn.ptnr2_symmetry'         
31 3 'Structure model' '_database_2.pdbx_DOI'                
32 3 'Structure model' '_database_2.pdbx_database_accession' 
# 
_pdbx_database_status.status_code                     REL 
_pdbx_database_status.status_code_sf                  REL 
_pdbx_database_status.status_code_mr                  ? 
_pdbx_database_status.entry_id                        6QJS 
_pdbx_database_status.recvd_initial_deposition_date   2019-01-24 
_pdbx_database_status.SG_entry                        N 
_pdbx_database_status.deposit_site                    PDBE 
_pdbx_database_status.process_site                    PDBE 
_pdbx_database_status.status_code_cs                  ? 
_pdbx_database_status.methods_development_category    ? 
_pdbx_database_status.pdb_format_compatible           Y 
_pdbx_database_status.status_code_nmr_data            ? 
# 
_pdbx_database_related.db_name        PDB 
_pdbx_database_related.details        . 
_pdbx_database_related.db_id          6QJR 
_pdbx_database_related.content_type   unspecified 
# 
loop_
_audit_author.name 
_audit_author.pdbx_ordinal 
_audit_author.identifier_ORCID 
'Hardwick, J.S.' 1 0000-0002-3117-1035 
'Haugland, M.M.' 2 0000-0001-7017-344X 
'Ptchelkine, D.' 3 0000-0001-8821-3200 
'Brown, T.'      4 0000-0002-6538-3036 
'Anderson, E.E.' 5 0000-0002-4149-0494 
# 
_citation.abstract                  ? 
_citation.abstract_id_CAS           ? 
_citation.book_id_ISBN              ? 
_citation.book_publisher            ? 
_citation.book_publisher_city       ? 
_citation.book_title                ? 
_citation.coordinate_linkage        ? 
_citation.country                   UK 
_citation.database_id_Medline       ? 
_citation.details                   ? 
_citation.id                        primary 
_citation.journal_abbrev            'Nucleic Acids Res.' 
_citation.journal_id_ASTM           NARHAD 
_citation.journal_id_CSD            0389 
_citation.journal_id_ISSN           1362-4962 
_citation.journal_full              ? 
_citation.journal_issue             ? 
_citation.journal_volume            48 
_citation.language                  ? 
_citation.page_first                2830 
_citation.page_last                 2840 
_citation.title                     
;2'-Alkynyl spin-labelling is a minimally perturbing tool for DNA structural analysis.
;
_citation.year                      2020 
_citation.database_id_CSD           ? 
_citation.pdbx_database_id_DOI      10.1093/nar/gkaa086 
_citation.pdbx_database_id_PubMed   32052020 
_citation.unpublished_flag          ? 
# 
loop_
_citation_author.citation_id 
_citation_author.name 
_citation_author.ordinal 
_citation_author.identifier_ORCID 
primary 'Hardwick, J.S.'   1 ? 
primary 'Haugland, M.M.'   2 ? 
primary 'El-Sagheer, A.H.' 3 ? 
primary 'Ptchelkine, D.'   4 ? 
primary 'Beierlein, F.R.'  5 ? 
primary 'Lane, A.N.'       6 ? 
primary 'Brown, T.'        7 ? 
primary 'Lovett, J.E.'     8 ? 
primary 'Anderson, E.A.'   9 ? 
# 
loop_
_entity.id 
_entity.type 
_entity.src_method 
_entity.pdbx_description 
_entity.formula_weight 
_entity.pdbx_number_of_molecules 
_entity.pdbx_ec 
_entity.pdbx_mutation 
_entity.pdbx_fragment 
_entity.details 
1 polymer     syn 
;DNA (5'-D(P*GP*CP*AP*AP*AP*TP*TP*(S6M)P*GP*CP*G)-3')
;
3870.665 2 ? ? ? ? 
2 non-polymer syn 'COBALT HEXAMMINE(III)'                                161.116  4 ? ? ? ? 
3 water       nat water                                                  18.015   7 ? ? ? ? 
# 
_entity_poly.entity_id                      1 
_entity_poly.type                           polydeoxyribonucleotide 
_entity_poly.nstd_linkage                   no 
_entity_poly.nstd_monomer                   yes 
_entity_poly.pdbx_seq_one_letter_code       '(DC)(DG)(DC)(DA)(DA)(DA)(DT)(DT)(S6M)(DG)(DC)(DG)' 
_entity_poly.pdbx_seq_one_letter_code_can   CGCAAATTXGCG 
_entity_poly.pdbx_strand_id                 A,B 
_entity_poly.pdbx_target_identifier         ? 
# 
loop_
_pdbx_entity_nonpoly.entity_id 
_pdbx_entity_nonpoly.name 
_pdbx_entity_nonpoly.comp_id 
2 'COBALT HEXAMMINE(III)' NCO 
3 water                   HOH 
# 
loop_
_entity_poly_seq.entity_id 
_entity_poly_seq.num 
_entity_poly_seq.mon_id 
_entity_poly_seq.hetero 
1 1  DC  n 
1 2  DG  n 
1 3  DC  n 
1 4  DA  n 
1 5  DA  n 
1 6  DA  n 
1 7  DT  n 
1 8  DT  n 
1 9  S6M n 
1 10 DG  n 
1 11 DC  n 
1 12 DG  n 
# 
_pdbx_entity_src_syn.entity_id              1 
_pdbx_entity_src_syn.pdbx_src_id            1 
_pdbx_entity_src_syn.pdbx_alt_source_flag   sample 
_pdbx_entity_src_syn.pdbx_beg_seq_num       1 
_pdbx_entity_src_syn.pdbx_end_seq_num       12 
_pdbx_entity_src_syn.organism_scientific    'synthetic construct' 
_pdbx_entity_src_syn.organism_common_name   ? 
_pdbx_entity_src_syn.ncbi_taxonomy_id       32630 
_pdbx_entity_src_syn.details                ? 
# 
loop_
_chem_comp.id 
_chem_comp.type 
_chem_comp.mon_nstd_flag 
_chem_comp.name 
_chem_comp.pdbx_synonyms 
_chem_comp.formula 
_chem_comp.formula_weight 
DA  'DNA linking' y "2'-DEOXYADENOSINE-5'-MONOPHOSPHATE" ? 'C10 H14 N5 O6 P' 331.222 
DC  'DNA linking' y "2'-DEOXYCYTIDINE-5'-MONOPHOSPHATE" ? 'C9 H14 N3 O7 P'  307.197 
DG  'DNA linking' y "2'-DEOXYGUANOSINE-5'-MONOPHOSPHATE" ? 'C10 H14 N5 O7 P' 347.221 
DT  'DNA linking' y "THYMIDINE-5'-MONOPHOSPHATE" ? 'C10 H15 N2 O8 P' 322.208 
HOH non-polymer   . WATER ? 'H2 O'            18.015  
NCO non-polymer   . 'COBALT HEXAMMINE(III)' ? 'Co H18 N6 3'     161.116 
S6M 'DNA linking' . 
;[(2~{R},3~{S},4~{R},5~{R})-5-[2,4-bis(oxidanylidene)pyrimidin-1-yl]-3-oxidanyl-4-[1-(2,2,6,6-tetramethyl-1-oxidanyl-piperidin-4-yl)-1,2,3-triazol-4-yl]oxolan-2-yl]methyl dihydrogen phosphate
;
? 'C20 H31 N6 O9 P' 530.469 
# 
loop_
_pdbx_poly_seq_scheme.asym_id 
_pdbx_poly_seq_scheme.entity_id 
_pdbx_poly_seq_scheme.seq_id 
_pdbx_poly_seq_scheme.mon_id 
_pdbx_poly_seq_scheme.ndb_seq_num 
_pdbx_poly_seq_scheme.pdb_seq_num 
_pdbx_poly_seq_scheme.auth_seq_num 
_pdbx_poly_seq_scheme.pdb_mon_id 
_pdbx_poly_seq_scheme.auth_mon_id 
_pdbx_poly_seq_scheme.pdb_strand_id 
_pdbx_poly_seq_scheme.pdb_ins_code 
_pdbx_poly_seq_scheme.hetero 
A 1 1  DC  1  1  ?  ?   ?   A . n 
A 1 2  DG  2  2  2  DG  DG  A . n 
A 1 3  DC  3  3  3  DC  DC  A . n 
A 1 4  DA  4  4  4  DA  DA  A . n 
A 1 5  DA  5  5  5  DA  DA  A . n 
A 1 6  DA  6  6  6  DA  DA  A . n 
A 1 7  DT  7  7  7  DT  DT  A . n 
A 1 8  DT  8  8  8  DT  DT  A . n 
A 1 9  S6M 9  9  9  S6M S6M A . n 
A 1 10 DG  10 10 10 DG  DG  A . n 
A 1 11 DC  11 11 11 DC  DC  A . n 
A 1 12 DG  12 12 12 DG  DG  A . n 
B 1 1  DC  1  13 ?  ?   ?   B . n 
B 1 2  DG  2  14 14 DG  DG  B . n 
B 1 3  DC  3  15 15 DC  DC  B . n 
B 1 4  DA  4  16 16 DA  DA  B . n 
B 1 5  DA  5  17 17 DA  DA  B . n 
B 1 6  DA  6  18 18 DA  DA  B . n 
B 1 7  DT  7  19 19 DT  DT  B . n 
B 1 8  DT  8  20 20 DT  DT  B . n 
B 1 9  S6M 9  21 21 S6M S6M B . n 
B 1 10 DG  10 22 22 DG  DG  B . n 
B 1 11 DC  11 23 23 DC  DC  B . n 
B 1 12 DG  12 24 24 DG  DG  B . n 
# 
loop_
_pdbx_nonpoly_scheme.asym_id 
_pdbx_nonpoly_scheme.entity_id 
_pdbx_nonpoly_scheme.mon_id 
_pdbx_nonpoly_scheme.ndb_seq_num 
_pdbx_nonpoly_scheme.pdb_seq_num 
_pdbx_nonpoly_scheme.auth_seq_num 
_pdbx_nonpoly_scheme.pdb_mon_id 
_pdbx_nonpoly_scheme.auth_mon_id 
_pdbx_nonpoly_scheme.pdb_strand_id 
_pdbx_nonpoly_scheme.pdb_ins_code 
C 2 NCO 1 101 1  NCO NCO A . 
D 2 NCO 1 102 3  NCO NCO A . 
E 2 NCO 1 103 4  NCO NCO A . 
F 2 NCO 1 101 2  NCO NCO B . 
G 3 HOH 1 201 11 HOH HOH A . 
G 3 HOH 2 202 6  HOH HOH A . 
G 3 HOH 3 203 9  HOH HOH A . 
G 3 HOH 4 204 4  HOH HOH A . 
H 3 HOH 1 201 2  HOH HOH B . 
H 3 HOH 2 202 3  HOH HOH B . 
H 3 HOH 3 203 1  HOH HOH B . 
# 
loop_
_software.citation_id 
_software.classification 
_software.compiler_name 
_software.compiler_version 
_software.contact_author 
_software.contact_author_email 
_software.date 
_software.description 
_software.dependencies 
_software.hardware 
_software.language 
_software.location 
_software.mods 
_software.name 
_software.os 
_software.os_version 
_software.type 
_software.version 
_software.pdbx_ordinal 
? refinement       ? ? ? ? ? ? ? ? ? ? ? REFMAC  ? ? ? 5.8.0218 1 
? 'data reduction' ? ? ? ? ? ? ? ? ? ? ? XDS     ? ? ? .        2 
? 'data scaling'   ? ? ? ? ? ? ? ? ? ? ? Aimless ? ? ? .        3 
? phasing          ? ? ? ? ? ? ? ? ? ? ? PHASER  ? ? ? .        4 
# 
_cell.angle_alpha                  90.00 
_cell.angle_alpha_esd              ? 
_cell.angle_beta                   90.00 
_cell.angle_beta_esd               ? 
_cell.angle_gamma                  120.00 
_cell.angle_gamma_esd              ? 
_cell.entry_id                     6QJS 
_cell.details                      ? 
_cell.formula_units_Z              ? 
_cell.length_a                     42.999 
_cell.length_a_esd                 ? 
_cell.length_b                     42.999 
_cell.length_b_esd                 ? 
_cell.length_c                     97.493 
_cell.length_c_esd                 ? 
_cell.volume                       ? 
_cell.volume_esd                   ? 
_cell.Z_PDB                        12 
_cell.reciprocal_angle_alpha       ? 
_cell.reciprocal_angle_beta        ? 
_cell.reciprocal_angle_gamma       ? 
_cell.reciprocal_angle_alpha_esd   ? 
_cell.reciprocal_angle_beta_esd    ? 
_cell.reciprocal_angle_gamma_esd   ? 
_cell.reciprocal_length_a          ? 
_cell.reciprocal_length_b          ? 
_cell.reciprocal_length_c          ? 
_cell.reciprocal_length_a_esd      ? 
_cell.reciprocal_length_b_esd      ? 
_cell.reciprocal_length_c_esd      ? 
_cell.pdbx_unique_axis             ? 
# 
_symmetry.entry_id                         6QJS 
_symmetry.cell_setting                     ? 
_symmetry.Int_Tables_number                154 
_symmetry.space_group_name_Hall            ? 
_symmetry.space_group_name_H-M             'P 32 2 1' 
_symmetry.pdbx_full_space_group_name_H-M   ? 
# 
_exptl.absorpt_coefficient_mu     ? 
_exptl.absorpt_correction_T_max   ? 
_exptl.absorpt_correction_T_min   ? 
_exptl.absorpt_correction_type    ? 
_exptl.absorpt_process_details    ? 
_exptl.entry_id                   6QJS 
_exptl.crystals_number            1 
_exptl.details                    ? 
_exptl.method                     'X-RAY DIFFRACTION' 
_exptl.method_details             ? 
# 
_exptl_crystal.colour                      ? 
_exptl_crystal.density_diffrn              ? 
_exptl_crystal.density_Matthews            3.36 
_exptl_crystal.density_method              ? 
_exptl_crystal.density_percent_sol         63.40 
_exptl_crystal.description                 ? 
_exptl_crystal.F_000                       ? 
_exptl_crystal.id                          1 
_exptl_crystal.preparation                 ? 
_exptl_crystal.size_max                    ? 
_exptl_crystal.size_mid                    ? 
_exptl_crystal.size_min                    ? 
_exptl_crystal.size_rad                    ? 
_exptl_crystal.colour_lustre               ? 
_exptl_crystal.colour_modifier             ? 
_exptl_crystal.colour_primary              ? 
_exptl_crystal.density_meas                ? 
_exptl_crystal.density_meas_esd            ? 
_exptl_crystal.density_meas_gt             ? 
_exptl_crystal.density_meas_lt             ? 
_exptl_crystal.density_meas_temp           ? 
_exptl_crystal.density_meas_temp_esd       ? 
_exptl_crystal.density_meas_temp_gt        ? 
_exptl_crystal.density_meas_temp_lt        ? 
_exptl_crystal.pdbx_crystal_image_url      ? 
_exptl_crystal.pdbx_crystal_image_format   ? 
_exptl_crystal.pdbx_mosaicity              ? 
_exptl_crystal.pdbx_mosaicity_esd          ? 
# 
_exptl_crystal_grow.apparatus       ? 
_exptl_crystal_grow.atmosphere      ? 
_exptl_crystal_grow.crystal_id      1 
_exptl_crystal_grow.details         ? 
_exptl_crystal_grow.method          'VAPOR DIFFUSION, SITTING DROP' 
_exptl_crystal_grow.method_ref      ? 
_exptl_crystal_grow.pH              5.5 
_exptl_crystal_grow.pressure        ? 
_exptl_crystal_grow.pressure_esd    ? 
_exptl_crystal_grow.seeding         ? 
_exptl_crystal_grow.seeding_ref     ? 
_exptl_crystal_grow.temp            295 
_exptl_crystal_grow.temp_details    ? 
_exptl_crystal_grow.temp_esd        ? 
_exptl_crystal_grow.time            ? 
_exptl_crystal_grow.pdbx_details    
;Potassium chloride (10 mM),
sodium chloride (80 mM),
magnesium chloride (20 mM),
sodium cacodylate (40 mM, pH 5.5),
MPD (35% v/v),
Hexammine cobalt(III) chloride (2 mM)
;
_exptl_crystal_grow.pdbx_pH_range   ? 
# 
_diffrn.ambient_environment              ? 
_diffrn.ambient_temp                     100 
_diffrn.ambient_temp_details             ? 
_diffrn.ambient_temp_esd                 ? 
_diffrn.crystal_id                       1 
_diffrn.crystal_support                  ? 
_diffrn.crystal_treatment                ? 
_diffrn.details                          ? 
_diffrn.id                               1 
_diffrn.ambient_pressure                 ? 
_diffrn.ambient_pressure_esd             ? 
_diffrn.ambient_pressure_gt              ? 
_diffrn.ambient_pressure_lt              ? 
_diffrn.ambient_temp_gt                  ? 
_diffrn.ambient_temp_lt                  ? 
_diffrn.pdbx_serial_crystal_experiment   N 
# 
_diffrn_detector.details                      ? 
_diffrn_detector.detector                     PIXEL 
_diffrn_detector.diffrn_id                    1 
_diffrn_detector.type                         'DECTRIS PILATUS 6M-F' 
_diffrn_detector.area_resol_mean              ? 
_diffrn_detector.dtime                        ? 
_diffrn_detector.pdbx_frames_total            ? 
_diffrn_detector.pdbx_collection_time_total   ? 
_diffrn_detector.pdbx_collection_date         2017-01-22 
_diffrn_detector.pdbx_frequency               ? 
# 
_diffrn_radiation.collimation                      ? 
_diffrn_radiation.diffrn_id                        1 
_diffrn_radiation.filter_edge                      ? 
_diffrn_radiation.inhomogeneity                    ? 
_diffrn_radiation.monochromator                    ? 
_diffrn_radiation.polarisn_norm                    ? 
_diffrn_radiation.polarisn_ratio                   ? 
_diffrn_radiation.probe                            ? 
_diffrn_radiation.type                             ? 
_diffrn_radiation.xray_symbol                      ? 
_diffrn_radiation.wavelength_id                    1 
_diffrn_radiation.pdbx_monochromatic_or_laue_m_l   M 
_diffrn_radiation.pdbx_wavelength_list             ? 
_diffrn_radiation.pdbx_wavelength                  ? 
_diffrn_radiation.pdbx_diffrn_protocol             'SINGLE WAVELENGTH' 
_diffrn_radiation.pdbx_analyzer                    ? 
_diffrn_radiation.pdbx_scattering_type             x-ray 
# 
_diffrn_radiation_wavelength.id           1 
_diffrn_radiation_wavelength.wavelength   0.97935 
_diffrn_radiation_wavelength.wt           1.0 
# 
_diffrn_source.current                     ? 
_diffrn_source.details                     ? 
_diffrn_source.diffrn_id                   1 
_diffrn_source.power                       ? 
_diffrn_source.size                        ? 
_diffrn_source.source                      SYNCHROTRON 
_diffrn_source.target                      ? 
_diffrn_source.type                        'DIAMOND BEAMLINE I04' 
_diffrn_source.voltage                     ? 
_diffrn_source.take-off_angle              ? 
_diffrn_source.pdbx_wavelength_list        0.97935 
_diffrn_source.pdbx_wavelength             ? 
_diffrn_source.pdbx_synchrotron_beamline   I04 
_diffrn_source.pdbx_synchrotron_site       Diamond 
# 
_reflns.B_iso_Wilson_estimate            ? 
_reflns.entry_id                         6QJS 
_reflns.data_reduction_details           ? 
_reflns.data_reduction_method            ? 
_reflns.d_resolution_high                1.80 
_reflns.d_resolution_low                 37.24 
_reflns.details                          ? 
_reflns.limit_h_max                      ? 
_reflns.limit_h_min                      ? 
_reflns.limit_k_max                      ? 
_reflns.limit_k_min                      ? 
_reflns.limit_l_max                      ? 
_reflns.limit_l_min                      ? 
_reflns.number_all                       ? 
_reflns.number_obs                       9926 
_reflns.observed_criterion               ? 
_reflns.observed_criterion_F_max         ? 
_reflns.observed_criterion_F_min         ? 
_reflns.observed_criterion_I_max         ? 
_reflns.observed_criterion_I_min         ? 
_reflns.observed_criterion_sigma_F       ? 
_reflns.observed_criterion_sigma_I       ? 
_reflns.percent_possible_obs             97.6 
_reflns.R_free_details                   ? 
_reflns.Rmerge_F_all                     ? 
_reflns.Rmerge_F_obs                     ? 
_reflns.Friedel_coverage                 ? 
_reflns.number_gt                        ? 
_reflns.threshold_expression             ? 
_reflns.pdbx_redundancy                  3.8 
_reflns.pdbx_Rmerge_I_obs                0.072 
_reflns.pdbx_Rmerge_I_all                ? 
_reflns.pdbx_Rsym_value                  ? 
_reflns.pdbx_netI_over_av_sigmaI         ? 
_reflns.pdbx_netI_over_sigmaI            9.3 
_reflns.pdbx_res_netI_over_av_sigmaI_2   ? 
_reflns.pdbx_res_netI_over_sigmaI_2      ? 
_reflns.pdbx_chi_squared                 ? 
_reflns.pdbx_scaling_rejects             ? 
_reflns.pdbx_d_res_high_opt              ? 
_reflns.pdbx_d_res_low_opt               ? 
_reflns.pdbx_d_res_opt_method            ? 
_reflns.phase_calculation_details        ? 
_reflns.pdbx_Rrim_I_all                  ? 
_reflns.pdbx_Rpim_I_all                  ? 
_reflns.pdbx_d_opt                       ? 
_reflns.pdbx_number_measured_all         ? 
_reflns.pdbx_diffrn_id                   1 
_reflns.pdbx_ordinal                     1 
_reflns.pdbx_CC_half                     ? 
_reflns.pdbx_R_split                     ? 
# 
_reflns_shell.d_res_high                  1.80 
_reflns_shell.d_res_low                   1.83 
_reflns_shell.meanI_over_sigI_all         ? 
_reflns_shell.meanI_over_sigI_obs         ? 
_reflns_shell.number_measured_all         ? 
_reflns_shell.number_measured_obs         ? 
_reflns_shell.number_possible             ? 
_reflns_shell.number_unique_all           ? 
_reflns_shell.number_unique_obs           ? 
_reflns_shell.percent_possible_all        ? 
_reflns_shell.percent_possible_obs        ? 
_reflns_shell.Rmerge_F_all                ? 
_reflns_shell.Rmerge_F_obs                ? 
_reflns_shell.Rmerge_I_all                ? 
_reflns_shell.Rmerge_I_obs                0.589 
_reflns_shell.meanI_over_sigI_gt          ? 
_reflns_shell.meanI_over_uI_all           ? 
_reflns_shell.meanI_over_uI_gt            ? 
_reflns_shell.number_measured_gt          ? 
_reflns_shell.number_unique_gt            ? 
_reflns_shell.percent_possible_gt         ? 
_reflns_shell.Rmerge_F_gt                 ? 
_reflns_shell.Rmerge_I_gt                 ? 
_reflns_shell.pdbx_redundancy             ? 
_reflns_shell.pdbx_Rsym_value             ? 
_reflns_shell.pdbx_chi_squared            ? 
_reflns_shell.pdbx_netI_over_sigmaI_all   ? 
_reflns_shell.pdbx_netI_over_sigmaI_obs   ? 
_reflns_shell.pdbx_Rrim_I_all             ? 
_reflns_shell.pdbx_Rpim_I_all             ? 
_reflns_shell.pdbx_rejects                ? 
_reflns_shell.pdbx_ordinal                1 
_reflns_shell.pdbx_diffrn_id              1 
_reflns_shell.pdbx_CC_half                ? 
_reflns_shell.pdbx_R_split                ? 
# 
_refine.aniso_B[1][1]                            10.14 
_refine.aniso_B[1][2]                            0.00 
_refine.aniso_B[1][3]                            0.00 
_refine.aniso_B[2][2]                            10.14 
_refine.aniso_B[2][3]                            0.00 
_refine.aniso_B[3][3]                            -20.29 
_refine.B_iso_max                                ? 
_refine.B_iso_mean                               33.733 
_refine.B_iso_min                                ? 
_refine.correlation_coeff_Fo_to_Fc               0.946 
_refine.correlation_coeff_Fo_to_Fc_free          0.883 
_refine.details                                  'HYDROGENS HAVE BEEN ADDED IN THE RIDING POSITIONS' 
_refine.diff_density_max                         ? 
_refine.diff_density_max_esd                     ? 
_refine.diff_density_min                         ? 
_refine.diff_density_min_esd                     ? 
_refine.diff_density_rms                         ? 
_refine.diff_density_rms_esd                     ? 
_refine.entry_id                                 6QJS 
_refine.pdbx_refine_id                           'X-RAY DIFFRACTION' 
_refine.ls_abs_structure_details                 ? 
_refine.ls_abs_structure_Flack                   ? 
_refine.ls_abs_structure_Flack_esd               ? 
_refine.ls_abs_structure_Rogers                  ? 
_refine.ls_abs_structure_Rogers_esd              ? 
_refine.ls_d_res_high                            1.80 
_refine.ls_d_res_low                             37.24 
_refine.ls_extinction_coef                       ? 
_refine.ls_extinction_coef_esd                   ? 
_refine.ls_extinction_expression                 ? 
_refine.ls_extinction_method                     ? 
_refine.ls_goodness_of_fit_all                   ? 
_refine.ls_goodness_of_fit_all_esd               ? 
_refine.ls_goodness_of_fit_obs                   ? 
_refine.ls_goodness_of_fit_obs_esd               ? 
_refine.ls_hydrogen_treatment                    ? 
_refine.ls_matrix_type                           ? 
_refine.ls_number_constraints                    ? 
_refine.ls_number_parameters                     ? 
_refine.ls_number_reflns_all                     ? 
_refine.ls_number_reflns_obs                     9365 
_refine.ls_number_reflns_R_free                  555 
_refine.ls_number_reflns_R_work                  ? 
_refine.ls_number_restraints                     ? 
_refine.ls_percent_reflns_obs                    96.58 
_refine.ls_percent_reflns_R_free                 5.6 
_refine.ls_R_factor_all                          ? 
_refine.ls_R_factor_obs                          0.21532 
_refine.ls_R_factor_R_free                       0.25138 
_refine.ls_R_factor_R_free_error                 ? 
_refine.ls_R_factor_R_free_error_details         ? 
_refine.ls_R_factor_R_work                       0.21307 
_refine.ls_R_Fsqd_factor_obs                     ? 
_refine.ls_R_I_factor_obs                        ? 
_refine.ls_redundancy_reflns_all                 ? 
_refine.ls_redundancy_reflns_obs                 ? 
_refine.ls_restrained_S_all                      ? 
_refine.ls_restrained_S_obs                      ? 
_refine.ls_shift_over_esd_max                    ? 
_refine.ls_shift_over_esd_mean                   ? 
_refine.ls_structure_factor_coef                 ? 
_refine.ls_weighting_details                     ? 
_refine.ls_weighting_scheme                      ? 
_refine.ls_wR_factor_all                         ? 
_refine.ls_wR_factor_obs                         ? 
_refine.ls_wR_factor_R_free                      ? 
_refine.ls_wR_factor_R_work                      ? 
_refine.occupancy_max                            ? 
_refine.occupancy_min                            ? 
_refine.solvent_model_details                    ? 
_refine.solvent_model_param_bsol                 ? 
_refine.solvent_model_param_ksol                 ? 
_refine.ls_R_factor_gt                           ? 
_refine.ls_goodness_of_fit_gt                    ? 
_refine.ls_goodness_of_fit_ref                   ? 
_refine.ls_shift_over_su_max                     ? 
_refine.ls_shift_over_su_max_lt                  ? 
_refine.ls_shift_over_su_mean                    ? 
_refine.ls_shift_over_su_mean_lt                 ? 
_refine.pdbx_ls_sigma_I                          ? 
_refine.pdbx_ls_sigma_F                          ? 
_refine.pdbx_ls_sigma_Fsqd                       ? 
_refine.pdbx_data_cutoff_high_absF               ? 
_refine.pdbx_data_cutoff_high_rms_absF           ? 
_refine.pdbx_data_cutoff_low_absF                ? 
_refine.pdbx_isotropic_thermal_model             ? 
_refine.pdbx_ls_cross_valid_method               THROUGHOUT 
_refine.pdbx_method_to_determine_struct          'MOLECULAR REPLACEMENT' 
_refine.pdbx_starting_model                      1s2r 
_refine.pdbx_stereochemistry_target_values       ? 
_refine.pdbx_R_Free_selection_details            RANDOM 
_refine.pdbx_stereochem_target_val_spec_case     ? 
_refine.pdbx_overall_ESU_R                       0.022 
_refine.pdbx_overall_ESU_R_Free                  0.023 
_refine.pdbx_solvent_vdw_probe_radii             1.20 
_refine.pdbx_solvent_ion_probe_radii             0.80 
_refine.pdbx_solvent_shrinkage_radii             0.80 
_refine.pdbx_real_space_R                        ? 
_refine.pdbx_density_correlation                 ? 
_refine.pdbx_pd_number_of_powder_patterns        ? 
_refine.pdbx_pd_number_of_points                 ? 
_refine.pdbx_pd_meas_number_of_points            ? 
_refine.pdbx_pd_proc_ls_prof_R_factor            ? 
_refine.pdbx_pd_proc_ls_prof_wR_factor           ? 
_refine.pdbx_pd_Marquardt_correlation_coeff      ? 
_refine.pdbx_pd_Fsqrd_R_factor                   ? 
_refine.pdbx_pd_ls_matrix_band_width             ? 
_refine.pdbx_overall_phase_error                 ? 
_refine.pdbx_overall_SU_R_free_Cruickshank_DPI   ? 
_refine.pdbx_overall_SU_R_free_Blow_DPI          ? 
_refine.pdbx_overall_SU_R_Blow_DPI               ? 
_refine.pdbx_TLS_residual_ADP_flag               ? 
_refine.pdbx_diffrn_id                           1 
_refine.overall_SU_B                             1.849 
_refine.overall_SU_ML                            0.062 
_refine.overall_SU_R_Cruickshank_DPI             ? 
_refine.overall_SU_R_free                        ? 
_refine.overall_FOM_free_R_set                   ? 
_refine.overall_FOM_work_R_set                   ? 
_refine.pdbx_average_fsc_overall                 ? 
_refine.pdbx_average_fsc_work                    ? 
_refine.pdbx_average_fsc_free                    ? 
# 
_refine_hist.pdbx_refine_id                   'X-RAY DIFFRACTION' 
_refine_hist.cycle_id                         1 
_refine_hist.pdbx_number_atoms_protein        0 
_refine_hist.pdbx_number_atoms_nucleic_acid   484 
_refine_hist.pdbx_number_atoms_ligand         28 
_refine_hist.number_atoms_solvent             7 
_refine_hist.number_atoms_total               519 
_refine_hist.d_res_high                       1.80 
_refine_hist.d_res_low                        37.24 
# 
loop_
_refine_ls_restr.pdbx_refine_id 
_refine_ls_restr.criterion 
_refine_ls_restr.dev_ideal 
_refine_ls_restr.dev_ideal_target 
_refine_ls_restr.number 
_refine_ls_restr.rejects 
_refine_ls_restr.type 
_refine_ls_restr.weight 
_refine_ls_restr.pdbx_restraint_function 
'X-RAY DIFFRACTION' ? 0.014 0.012  566 ? r_bond_refined_d             ? ? 
'X-RAY DIFFRACTION' ? 0.002 0.020  354 ? r_bond_other_d               ? ? 
'X-RAY DIFFRACTION' ? 1.672 1.540  882 ? r_angle_refined_deg          ? ? 
'X-RAY DIFFRACTION' ? 1.287 3.000  804 ? r_angle_other_deg            ? ? 
'X-RAY DIFFRACTION' ? ?     ?      ?   ? r_dihedral_angle_1_deg       ? ? 
'X-RAY DIFFRACTION' ? ?     ?      ?   ? r_dihedral_angle_2_deg       ? ? 
'X-RAY DIFFRACTION' ? ?     ?      ?   ? r_dihedral_angle_3_deg       ? ? 
'X-RAY DIFFRACTION' ? ?     ?      ?   ? r_dihedral_angle_4_deg       ? ? 
'X-RAY DIFFRACTION' ? 0.119 0.200  76  ? r_chiral_restr               ? ? 
'X-RAY DIFFRACTION' ? 0.030 0.020  278 ? r_gen_planes_refined         ? ? 
'X-RAY DIFFRACTION' ? 0.002 0.020  112 ? r_gen_planes_other           ? ? 
'X-RAY DIFFRACTION' ? ?     ?      ?   ? r_nbd_refined                ? ? 
'X-RAY DIFFRACTION' ? ?     ?      ?   ? r_nbd_other                  ? ? 
'X-RAY DIFFRACTION' ? ?     ?      ?   ? r_nbtor_refined              ? ? 
'X-RAY DIFFRACTION' ? ?     ?      ?   ? r_nbtor_other                ? ? 
'X-RAY DIFFRACTION' ? ?     ?      ?   ? r_xyhbond_nbd_refined        ? ? 
'X-RAY DIFFRACTION' ? ?     ?      ?   ? r_xyhbond_nbd_other          ? ? 
'X-RAY DIFFRACTION' ? ?     ?      ?   ? r_metal_ion_refined          ? ? 
'X-RAY DIFFRACTION' ? ?     ?      ?   ? r_metal_ion_other            ? ? 
'X-RAY DIFFRACTION' ? ?     ?      ?   ? r_symmetry_vdw_refined       ? ? 
'X-RAY DIFFRACTION' ? ?     ?      ?   ? r_symmetry_vdw_other         ? ? 
'X-RAY DIFFRACTION' ? ?     ?      ?   ? r_symmetry_hbond_refined     ? ? 
'X-RAY DIFFRACTION' ? ?     ?      ?   ? r_symmetry_hbond_other       ? ? 
'X-RAY DIFFRACTION' ? ?     ?      ?   ? r_symmetry_metal_ion_refined ? ? 
'X-RAY DIFFRACTION' ? ?     ?      ?   ? r_symmetry_metal_ion_other   ? ? 
'X-RAY DIFFRACTION' ? ?     ?      ?   ? r_mcbond_it                  ? ? 
'X-RAY DIFFRACTION' ? ?     ?      ?   ? r_mcbond_other               ? ? 
'X-RAY DIFFRACTION' ? ?     ?      ?   ? r_mcangle_it                 ? ? 
'X-RAY DIFFRACTION' ? ?     ?      ?   ? r_mcangle_other              ? ? 
'X-RAY DIFFRACTION' ? 3.847 3.498  566 ? r_scbond_it                  ? ? 
'X-RAY DIFFRACTION' ? 3.844 3.499  567 ? r_scbond_other               ? ? 
'X-RAY DIFFRACTION' ? ?     ?      ?   ? r_scangle_it                 ? ? 
'X-RAY DIFFRACTION' ? 5.205 5.221  883 ? r_scangle_other              ? ? 
'X-RAY DIFFRACTION' ? 6.366 32.765 744 ? r_long_range_B_refined       ? ? 
'X-RAY DIFFRACTION' ? 6.366 32.770 744 ? r_long_range_B_other         ? ? 
'X-RAY DIFFRACTION' ? ?     ?      ?   ? r_rigid_bond_restr           ? ? 
'X-RAY DIFFRACTION' ? ?     ?      ?   ? r_sphericity_free            ? ? 
'X-RAY DIFFRACTION' ? ?     ?      ?   ? r_sphericity_bonded          ? ? 
# 
_refine_ls_shell.pdbx_refine_id                   'X-RAY DIFFRACTION' 
_refine_ls_shell.d_res_high                       1.797 
_refine_ls_shell.d_res_low                        1.843 
_refine_ls_shell.number_reflns_all                ? 
_refine_ls_shell.number_reflns_obs                ? 
_refine_ls_shell.number_reflns_R_free             32 
_refine_ls_shell.number_reflns_R_work             657 
_refine_ls_shell.percent_reflns_obs               94.13 
_refine_ls_shell.percent_reflns_R_free            ? 
_refine_ls_shell.R_factor_all                     ? 
_refine_ls_shell.R_factor_obs                     ? 
_refine_ls_shell.R_factor_R_free                  0.213 
_refine_ls_shell.R_factor_R_free_error            ? 
_refine_ls_shell.R_factor_R_work                  0.252 
_refine_ls_shell.redundancy_reflns_all            ? 
_refine_ls_shell.redundancy_reflns_obs            ? 
_refine_ls_shell.wR_factor_all                    ? 
_refine_ls_shell.wR_factor_obs                    ? 
_refine_ls_shell.wR_factor_R_free                 ? 
_refine_ls_shell.wR_factor_R_work                 ? 
_refine_ls_shell.pdbx_total_number_of_bins_used   20 
_refine_ls_shell.pdbx_phase_error                 ? 
_refine_ls_shell.pdbx_fsc_work                    ? 
_refine_ls_shell.pdbx_fsc_free                    ? 
# 
_struct.entry_id                     6QJS 
_struct.title                        
'Crystal structure of a DNA dodecamer containing a tetramethylpiperidinoxyl (nitroxide) spin label' 
_struct.pdbx_model_details           ? 
_struct.pdbx_formula_weight          ? 
_struct.pdbx_formula_weight_method   ? 
_struct.pdbx_model_type_details      ? 
_struct.pdbx_CASP_flag               N 
# 
_struct_keywords.entry_id        6QJS 
_struct_keywords.text            'Nitroxide, Spin label, Tetramethylpiperidinoxyl, DNA' 
_struct_keywords.pdbx_keywords   DNA 
# 
loop_
_struct_asym.id 
_struct_asym.pdbx_blank_PDB_chainid_flag 
_struct_asym.pdbx_modified 
_struct_asym.entity_id 
_struct_asym.details 
A N N 1 ? 
B N N 1 ? 
C N N 2 ? 
D N N 2 ? 
E N N 2 ? 
F N N 2 ? 
G N N 3 ? 
H N N 3 ? 
# 
_struct_ref.id                         1 
_struct_ref.db_name                    PDB 
_struct_ref.db_code                    6QJS 
_struct_ref.pdbx_db_accession          6QJS 
_struct_ref.pdbx_db_isoform            ? 
_struct_ref.entity_id                  1 
_struct_ref.pdbx_seq_one_letter_code   ? 
_struct_ref.pdbx_align_begin           1 
# 
loop_
_struct_ref_seq.align_id 
_struct_ref_seq.ref_id 
_struct_ref_seq.pdbx_PDB_id_code 
_struct_ref_seq.pdbx_strand_id 
_struct_ref_seq.seq_align_beg 
_struct_ref_seq.pdbx_seq_align_beg_ins_code 
_struct_ref_seq.seq_align_end 
_struct_ref_seq.pdbx_seq_align_end_ins_code 
_struct_ref_seq.pdbx_db_accession 
_struct_ref_seq.db_align_beg 
_struct_ref_seq.pdbx_db_align_beg_ins_code 
_struct_ref_seq.db_align_end 
_struct_ref_seq.pdbx_db_align_end_ins_code 
_struct_ref_seq.pdbx_auth_seq_align_beg 
_struct_ref_seq.pdbx_auth_seq_align_end 
1 1 6QJS A 1 ? 12 ? 6QJS 1  ? 12 ? 1  12 
2 1 6QJS B 1 ? 12 ? 6QJS 13 ? 24 ? 13 24 
# 
_pdbx_struct_assembly.id                   1 
_pdbx_struct_assembly.details              author_and_software_defined_assembly 
_pdbx_struct_assembly.method_details       PISA 
_pdbx_struct_assembly.oligomeric_details   dimeric 
_pdbx_struct_assembly.oligomeric_count     2 
# 
loop_
_pdbx_struct_assembly_prop.biol_id 
_pdbx_struct_assembly_prop.type 
_pdbx_struct_assembly_prop.value 
_pdbx_struct_assembly_prop.details 
1 'ABSA (A^2)' 1830 ? 
1 MORE         -7   ? 
1 'SSA (A^2)'  4820 ? 
# 
_pdbx_struct_assembly_gen.assembly_id       1 
_pdbx_struct_assembly_gen.oper_expression   1 
_pdbx_struct_assembly_gen.asym_id_list      A,B,C,D,E,F,G,H 
# 
_pdbx_struct_assembly_auth_evidence.id                     1 
_pdbx_struct_assembly_auth_evidence.assembly_id            1 
_pdbx_struct_assembly_auth_evidence.experimental_support   'mass spectrometry' 
_pdbx_struct_assembly_auth_evidence.details                ? 
# 
_pdbx_struct_oper_list.id                   1 
_pdbx_struct_oper_list.type                 'identity operation' 
_pdbx_struct_oper_list.name                 1_555 
_pdbx_struct_oper_list.symmetry_operation   x,y,z 
_pdbx_struct_oper_list.matrix[1][1]         1.0000000000 
_pdbx_struct_oper_list.matrix[1][2]         0.0000000000 
_pdbx_struct_oper_list.matrix[1][3]         0.0000000000 
_pdbx_struct_oper_list.vector[1]            0.0000000000 
_pdbx_struct_oper_list.matrix[2][1]         0.0000000000 
_pdbx_struct_oper_list.matrix[2][2]         1.0000000000 
_pdbx_struct_oper_list.matrix[2][3]         0.0000000000 
_pdbx_struct_oper_list.vector[2]            0.0000000000 
_pdbx_struct_oper_list.matrix[3][1]         0.0000000000 
_pdbx_struct_oper_list.matrix[3][2]         0.0000000000 
_pdbx_struct_oper_list.matrix[3][3]         1.0000000000 
_pdbx_struct_oper_list.vector[3]            0.0000000000 
# 
loop_
_struct_conn.id 
_struct_conn.conn_type_id 
_struct_conn.pdbx_leaving_atom_flag 
_struct_conn.pdbx_PDB_id 
_struct_conn.ptnr1_label_asym_id 
_struct_conn.ptnr1_label_comp_id 
_struct_conn.ptnr1_label_seq_id 
_struct_conn.ptnr1_label_atom_id 
_struct_conn.pdbx_ptnr1_label_alt_id 
_struct_conn.pdbx_ptnr1_PDB_ins_code 
_struct_conn.pdbx_ptnr1_standard_comp_id 
_struct_conn.ptnr1_symmetry 
_struct_conn.ptnr2_label_asym_id 
_struct_conn.ptnr2_label_comp_id 
_struct_conn.ptnr2_label_seq_id 
_struct_conn.ptnr2_label_atom_id 
_struct_conn.pdbx_ptnr2_label_alt_id 
_struct_conn.pdbx_ptnr2_PDB_ins_code 
_struct_conn.ptnr1_auth_asym_id 
_struct_conn.ptnr1_auth_comp_id 
_struct_conn.ptnr1_auth_seq_id 
_struct_conn.ptnr2_auth_asym_id 
_struct_conn.ptnr2_auth_comp_id 
_struct_conn.ptnr2_auth_seq_id 
_struct_conn.ptnr2_symmetry 
_struct_conn.pdbx_ptnr3_label_atom_id 
_struct_conn.pdbx_ptnr3_label_seq_id 
_struct_conn.pdbx_ptnr3_label_comp_id 
_struct_conn.pdbx_ptnr3_label_asym_id 
_struct_conn.pdbx_ptnr3_label_alt_id 
_struct_conn.pdbx_ptnr3_PDB_ins_code 
_struct_conn.details 
_struct_conn.pdbx_dist_value 
_struct_conn.pdbx_value_order 
_struct_conn.pdbx_role 
covale1  covale one  ? A DT  8  "O3'" ? ? ? 1_555 A S6M 9  P  ? ? A DT  8   A S6M 9   1_555 ? ? ? ? ? ? ?            1.564 ? ? 
covale2  covale one  ? A S6M 9  "O3'" ? ? ? 1_555 A DG  10 P  ? ? A S6M 9   A DG  10  1_555 ? ? ? ? ? ? ?            1.604 ? ? 
covale3  covale none ? C NCO .  N2    ? ? ? 1_555 F NCO .  N1 ? ? A NCO 101 B NCO 101 5_677 ? ? ? ? ? ? ?            1.252 ? ? 
covale4  covale one  ? B DT  8  "O3'" ? ? ? 1_555 B S6M 9  P  ? ? B DT  20  B S6M 21  1_555 ? ? ? ? ? ? ?            1.586 ? ? 
covale5  covale one  ? B S6M 9  "O3'" ? ? ? 1_555 B DG  10 P  ? ? B S6M 21  B DG  22  1_555 ? ? ? ? ? ? ?            1.587 ? ? 
metalc1  metalc ?    ? C NCO .  CO    ? ? ? 1_555 F NCO .  N4 ? ? A NCO 101 B NCO 101 5_677 ? ? ? ? ? ? ?            2.649 ? ? 
metalc2  metalc ?    ? C NCO .  CO    ? ? ? 1_555 F NCO .  N5 ? ? A NCO 101 B NCO 101 5_677 ? ? ? ? ? ? ?            2.702 ? ? 
metalc3  metalc ?    ? C NCO .  CO    ? ? ? 1_555 F NCO .  N1 ? ? A NCO 101 B NCO 101 5_677 ? ? ? ? ? ? ?            2.638 ? ? 
metalc4  metalc ?    ? C NCO .  N1    ? ? ? 1_555 F NCO .  CO ? ? A NCO 101 B NCO 101 5_677 ? ? ? ? ? ? ?            2.595 ? ? 
metalc5  metalc ?    ? C NCO .  N2    ? ? ? 1_555 F NCO .  CO ? ? A NCO 101 B NCO 101 5_677 ? ? ? ? ? ? ?            1.779 ? ? 
metalc6  metalc ?    ? C NCO .  N3    ? ? ? 1_555 F NCO .  CO ? ? A NCO 101 B NCO 101 5_677 ? ? ? ? ? ? ?            2.683 ? ? 
metalc7  metalc ?    ? C NCO .  N6    ? ? ? 1_555 F NCO .  CO ? ? A NCO 101 B NCO 101 5_677 ? ? ? ? ? ? ?            2.694 ? ? 
hydrog1  hydrog ?    ? A DG  2  N1    ? ? ? 1_555 B DC  11 N3 ? ? A DG  2   B DC  23  1_555 ? ? ? ? ? ? WATSON-CRICK ?     ? ? 
hydrog2  hydrog ?    ? A DG  2  N2    ? ? ? 1_555 B DC  11 O2 ? ? A DG  2   B DC  23  1_555 ? ? ? ? ? ? WATSON-CRICK ?     ? ? 
hydrog3  hydrog ?    ? A DG  2  O6    ? ? ? 1_555 B DC  11 N4 ? ? A DG  2   B DC  23  1_555 ? ? ? ? ? ? WATSON-CRICK ?     ? ? 
hydrog4  hydrog ?    ? A DC  3  N3    ? ? ? 1_555 B DG  10 N1 ? ? A DC  3   B DG  22  1_555 ? ? ? ? ? ? WATSON-CRICK ?     ? ? 
hydrog5  hydrog ?    ? A DC  3  N4    ? ? ? 1_555 B DG  10 O6 ? ? A DC  3   B DG  22  1_555 ? ? ? ? ? ? WATSON-CRICK ?     ? ? 
hydrog6  hydrog ?    ? A DC  3  O2    ? ? ? 1_555 B DG  10 N2 ? ? A DC  3   B DG  22  1_555 ? ? ? ? ? ? WATSON-CRICK ?     ? ? 
hydrog7  hydrog ?    ? A DA  5  N1    ? ? ? 1_555 B DT  8  N3 ? ? A DA  5   B DT  20  1_555 ? ? ? ? ? ? WATSON-CRICK ?     ? ? 
hydrog8  hydrog ?    ? A DA  5  N6    ? ? ? 1_555 B DT  8  O4 ? ? A DA  5   B DT  20  1_555 ? ? ? ? ? ? WATSON-CRICK ?     ? ? 
hydrog9  hydrog ?    ? A DA  6  N1    ? ? ? 1_555 B DT  7  N3 ? ? A DA  6   B DT  19  1_555 ? ? ? ? ? ? WATSON-CRICK ?     ? ? 
hydrog10 hydrog ?    ? A DA  6  N6    ? ? ? 1_555 B DT  7  O4 ? ? A DA  6   B DT  19  1_555 ? ? ? ? ? ? WATSON-CRICK ?     ? ? 
hydrog11 hydrog ?    ? A DT  7  N3    ? ? ? 1_555 B DA  6  N1 ? ? A DT  7   B DA  18  1_555 ? ? ? ? ? ? WATSON-CRICK ?     ? ? 
hydrog12 hydrog ?    ? A DT  7  O4    ? ? ? 1_555 B DA  6  N6 ? ? A DT  7   B DA  18  1_555 ? ? ? ? ? ? WATSON-CRICK ?     ? ? 
hydrog13 hydrog ?    ? A DT  8  N3    ? ? ? 1_555 B DA  5  N1 ? ? A DT  8   B DA  17  1_555 ? ? ? ? ? ? WATSON-CRICK ?     ? ? 
hydrog14 hydrog ?    ? A DT  8  O4    ? ? ? 1_555 B DA  5  N6 ? ? A DT  8   B DA  17  1_555 ? ? ? ? ? ? WATSON-CRICK ?     ? ? 
hydrog15 hydrog ?    ? A DG  10 N1    ? ? ? 1_555 B DC  3  N3 ? ? A DG  10  B DC  15  1_555 ? ? ? ? ? ? WATSON-CRICK ?     ? ? 
hydrog16 hydrog ?    ? A DG  10 N2    ? ? ? 1_555 B DC  3  O2 ? ? A DG  10  B DC  15  1_555 ? ? ? ? ? ? WATSON-CRICK ?     ? ? 
hydrog17 hydrog ?    ? A DG  10 O6    ? ? ? 1_555 B DC  3  N4 ? ? A DG  10  B DC  15  1_555 ? ? ? ? ? ? WATSON-CRICK ?     ? ? 
hydrog18 hydrog ?    ? A DC  11 N3    ? ? ? 1_555 B DG  2  N1 ? ? A DC  11  B DG  14  1_555 ? ? ? ? ? ? WATSON-CRICK ?     ? ? 
hydrog19 hydrog ?    ? A DC  11 N4    ? ? ? 1_555 B DG  2  O6 ? ? A DC  11  B DG  14  1_555 ? ? ? ? ? ? WATSON-CRICK ?     ? ? 
hydrog20 hydrog ?    ? A DC  11 O2    ? ? ? 1_555 B DG  2  N2 ? ? A DC  11  B DG  14  1_555 ? ? ? ? ? ? WATSON-CRICK ?     ? ? 
# 
loop_
_struct_conn_type.id 
_struct_conn_type.criteria 
_struct_conn_type.reference 
covale ? ? 
metalc ? ? 
hydrog ? ? 
# 
loop_
_pdbx_struct_conn_angle.id 
_pdbx_struct_conn_angle.ptnr1_label_atom_id 
_pdbx_struct_conn_angle.ptnr1_label_alt_id 
_pdbx_struct_conn_angle.ptnr1_label_asym_id 
_pdbx_struct_conn_angle.ptnr1_label_comp_id 
_pdbx_struct_conn_angle.ptnr1_label_seq_id 
_pdbx_struct_conn_angle.ptnr1_auth_atom_id 
_pdbx_struct_conn_angle.ptnr1_auth_asym_id 
_pdbx_struct_conn_angle.ptnr1_auth_comp_id 
_pdbx_struct_conn_angle.ptnr1_auth_seq_id 
_pdbx_struct_conn_angle.ptnr1_PDB_ins_code 
_pdbx_struct_conn_angle.ptnr1_symmetry 
_pdbx_struct_conn_angle.ptnr2_label_atom_id 
_pdbx_struct_conn_angle.ptnr2_label_alt_id 
_pdbx_struct_conn_angle.ptnr2_label_asym_id 
_pdbx_struct_conn_angle.ptnr2_label_comp_id 
_pdbx_struct_conn_angle.ptnr2_label_seq_id 
_pdbx_struct_conn_angle.ptnr2_auth_atom_id 
_pdbx_struct_conn_angle.ptnr2_auth_asym_id 
_pdbx_struct_conn_angle.ptnr2_auth_comp_id 
_pdbx_struct_conn_angle.ptnr2_auth_seq_id 
_pdbx_struct_conn_angle.ptnr2_PDB_ins_code 
_pdbx_struct_conn_angle.ptnr2_symmetry 
_pdbx_struct_conn_angle.ptnr3_label_atom_id 
_pdbx_struct_conn_angle.ptnr3_label_alt_id 
_pdbx_struct_conn_angle.ptnr3_label_asym_id 
_pdbx_struct_conn_angle.ptnr3_label_comp_id 
_pdbx_struct_conn_angle.ptnr3_label_seq_id 
_pdbx_struct_conn_angle.ptnr3_auth_atom_id 
_pdbx_struct_conn_angle.ptnr3_auth_asym_id 
_pdbx_struct_conn_angle.ptnr3_auth_comp_id 
_pdbx_struct_conn_angle.ptnr3_auth_seq_id 
_pdbx_struct_conn_angle.ptnr3_PDB_ins_code 
_pdbx_struct_conn_angle.ptnr3_symmetry 
_pdbx_struct_conn_angle.value 
_pdbx_struct_conn_angle.value_esd 
1  N4 ? F NCO . ? B NCO 101 ? 5_677 CO ? C NCO . ? A NCO 101 ? 1_555 N1 ? C NCO . ? A NCO 101 ? 1_555 94.5  ? 
2  N4 ? F NCO . ? B NCO 101 ? 5_677 CO ? C NCO . ? A NCO 101 ? 1_555 N2 ? C NCO . ? A NCO 101 ? 1_555 87.4  ? 
3  N1 ? C NCO . ? A NCO 101 ? 1_555 CO ? C NCO . ? A NCO 101 ? 1_555 N2 ? C NCO . ? A NCO 101 ? 1_555 178.0 ? 
4  N4 ? F NCO . ? B NCO 101 ? 5_677 CO ? C NCO . ? A NCO 101 ? 1_555 N3 ? C NCO . ? A NCO 101 ? 1_555 164.3 ? 
5  N1 ? C NCO . ? A NCO 101 ? 1_555 CO ? C NCO . ? A NCO 101 ? 1_555 N3 ? C NCO . ? A NCO 101 ? 1_555 88.3  ? 
6  N2 ? C NCO . ? A NCO 101 ? 1_555 CO ? C NCO . ? A NCO 101 ? 1_555 N3 ? C NCO . ? A NCO 101 ? 1_555 90.1  ? 
7  N4 ? F NCO . ? B NCO 101 ? 5_677 CO ? C NCO . ? A NCO 101 ? 1_555 N4 ? C NCO . ? A NCO 101 ? 1_555 74.7  ? 
8  N1 ? C NCO . ? A NCO 101 ? 1_555 CO ? C NCO . ? A NCO 101 ? 1_555 N4 ? C NCO . ? A NCO 101 ? 1_555 89.5  ? 
9  N2 ? C NCO . ? A NCO 101 ? 1_555 CO ? C NCO . ? A NCO 101 ? 1_555 N4 ? C NCO . ? A NCO 101 ? 1_555 91.6  ? 
10 N3 ? C NCO . ? A NCO 101 ? 1_555 CO ? C NCO . ? A NCO 101 ? 1_555 N4 ? C NCO . ? A NCO 101 ? 1_555 89.9  ? 
11 N4 ? F NCO . ? B NCO 101 ? 5_677 CO ? C NCO . ? A NCO 101 ? 1_555 N5 ? C NCO . ? A NCO 101 ? 1_555 17.1  ? 
12 N1 ? C NCO . ? A NCO 101 ? 1_555 CO ? C NCO . ? A NCO 101 ? 1_555 N5 ? C NCO . ? A NCO 101 ? 1_555 90.4  ? 
13 N2 ? C NCO . ? A NCO 101 ? 1_555 CO ? C NCO . ? A NCO 101 ? 1_555 N5 ? C NCO . ? A NCO 101 ? 1_555 91.2  ? 
14 N3 ? C NCO . ? A NCO 101 ? 1_555 CO ? C NCO . ? A NCO 101 ? 1_555 N5 ? C NCO . ? A NCO 101 ? 1_555 178.3 ? 
15 N4 ? C NCO . ? A NCO 101 ? 1_555 CO ? C NCO . ? A NCO 101 ? 1_555 N5 ? C NCO . ? A NCO 101 ? 1_555 91.3  ? 
16 N4 ? F NCO . ? B NCO 101 ? 5_677 CO ? C NCO . ? A NCO 101 ? 1_555 N6 ? C NCO . ? A NCO 101 ? 1_555 105.6 ? 
17 N1 ? C NCO . ? A NCO 101 ? 1_555 CO ? C NCO . ? A NCO 101 ? 1_555 N6 ? C NCO . ? A NCO 101 ? 1_555 90.3  ? 
18 N2 ? C NCO . ? A NCO 101 ? 1_555 CO ? C NCO . ? A NCO 101 ? 1_555 N6 ? C NCO . ? A NCO 101 ? 1_555 88.6  ? 
19 N3 ? C NCO . ? A NCO 101 ? 1_555 CO ? C NCO . ? A NCO 101 ? 1_555 N6 ? C NCO . ? A NCO 101 ? 1_555 89.8  ? 
20 N4 ? C NCO . ? A NCO 101 ? 1_555 CO ? C NCO . ? A NCO 101 ? 1_555 N6 ? C NCO . ? A NCO 101 ? 1_555 179.6 ? 
21 N5 ? C NCO . ? A NCO 101 ? 1_555 CO ? C NCO . ? A NCO 101 ? 1_555 N6 ? C NCO . ? A NCO 101 ? 1_555 89.0  ? 
22 N4 ? F NCO . ? B NCO 101 ? 5_677 CO ? C NCO . ? A NCO 101 ? 1_555 N5 ? F NCO . ? B NCO 101 ? 5_677 63.0  ? 
23 N1 ? C NCO . ? A NCO 101 ? 1_555 CO ? C NCO . ? A NCO 101 ? 1_555 N5 ? F NCO . ? B NCO 101 ? 5_677 98.1  ? 
24 N2 ? C NCO . ? A NCO 101 ? 1_555 CO ? C NCO . ? A NCO 101 ? 1_555 N5 ? F NCO . ? B NCO 101 ? 5_677 83.3  ? 
25 N3 ? C NCO . ? A NCO 101 ? 1_555 CO ? C NCO . ? A NCO 101 ? 1_555 N5 ? F NCO . ? B NCO 101 ? 5_677 101.2 ? 
26 N4 ? C NCO . ? A NCO 101 ? 1_555 CO ? C NCO . ? A NCO 101 ? 1_555 N5 ? F NCO . ? B NCO 101 ? 5_677 14.1  ? 
27 N5 ? C NCO . ? A NCO 101 ? 1_555 CO ? C NCO . ? A NCO 101 ? 1_555 N5 ? F NCO . ? B NCO 101 ? 5_677 80.1  ? 
28 N6 ? C NCO . ? A NCO 101 ? 1_555 CO ? C NCO . ? A NCO 101 ? 1_555 N5 ? F NCO . ? B NCO 101 ? 5_677 166.3 ? 
29 N4 ? F NCO . ? B NCO 101 ? 5_677 CO ? C NCO . ? A NCO 101 ? 1_555 N1 ? F NCO . ? B NCO 101 ? 5_677 63.5  ? 
30 N1 ? C NCO . ? A NCO 101 ? 1_555 CO ? C NCO . ? A NCO 101 ? 1_555 N1 ? F NCO . ? B NCO 101 ? 5_677 155.2 ? 
31 N2 ? C NCO . ? A NCO 101 ? 1_555 CO ? C NCO . ? A NCO 101 ? 1_555 N1 ? F NCO . ? B NCO 101 ? 5_677 26.8  ? 
32 N3 ? C NCO . ? A NCO 101 ? 1_555 CO ? C NCO . ? A NCO 101 ? 1_555 N1 ? F NCO . ? B NCO 101 ? 5_677 109.9 ? 
33 N4 ? C NCO . ? A NCO 101 ? 1_555 CO ? C NCO . ? A NCO 101 ? 1_555 N1 ? F NCO . ? B NCO 101 ? 5_677 74.4  ? 
34 N5 ? C NCO . ? A NCO 101 ? 1_555 CO ? C NCO . ? A NCO 101 ? 1_555 N1 ? F NCO . ? B NCO 101 ? 5_677 71.7  ? 
35 N6 ? C NCO . ? A NCO 101 ? 1_555 CO ? C NCO . ? A NCO 101 ? 1_555 N1 ? F NCO . ? B NCO 101 ? 5_677 106.0 ? 
36 N5 ? F NCO . ? B NCO 101 ? 5_677 CO ? C NCO . ? A NCO 101 ? 1_555 N1 ? F NCO . ? B NCO 101 ? 5_677 62.7  ? 
37 N1 ? C NCO . ? A NCO 101 ? 1_555 CO ? F NCO . ? B NCO 101 ? 5_677 N1 ? F NCO . ? B NCO 101 ? 5_677 167.1 ? 
38 N1 ? C NCO . ? A NCO 101 ? 1_555 CO ? F NCO . ? B NCO 101 ? 5_677 N2 ? F NCO . ? B NCO 101 ? 5_677 14.0  ? 
39 N1 ? F NCO . ? B NCO 101 ? 5_677 CO ? F NCO . ? B NCO 101 ? 5_677 N2 ? F NCO . ? B NCO 101 ? 5_677 178.6 ? 
40 N1 ? C NCO . ? A NCO 101 ? 1_555 CO ? F NCO . ? B NCO 101 ? 5_677 N3 ? F NCO . ? B NCO 101 ? 5_677 77.6  ? 
41 N1 ? F NCO . ? B NCO 101 ? 5_677 CO ? F NCO . ? B NCO 101 ? 5_677 N3 ? F NCO . ? B NCO 101 ? 5_677 91.5  ? 
42 N2 ? F NCO . ? B NCO 101 ? 5_677 CO ? F NCO . ? B NCO 101 ? 5_677 N3 ? F NCO . ? B NCO 101 ? 5_677 89.9  ? 
43 N1 ? C NCO . ? A NCO 101 ? 1_555 CO ? F NCO . ? B NCO 101 ? 5_677 N4 ? F NCO . ? B NCO 101 ? 5_677 97.0  ? 
44 N1 ? F NCO . ? B NCO 101 ? 5_677 CO ? F NCO . ? B NCO 101 ? 5_677 N4 ? F NCO . ? B NCO 101 ? 5_677 89.8  ? 
45 N2 ? F NCO . ? B NCO 101 ? 5_677 CO ? F NCO . ? B NCO 101 ? 5_677 N4 ? F NCO . ? B NCO 101 ? 5_677 90.3  ? 
46 N3 ? F NCO . ? B NCO 101 ? 5_677 CO ? F NCO . ? B NCO 101 ? 5_677 N4 ? F NCO . ? B NCO 101 ? 5_677 90.3  ? 
47 N1 ? C NCO . ? A NCO 101 ? 1_555 CO ? F NCO . ? B NCO 101 ? 5_677 N5 ? F NCO . ? B NCO 101 ? 5_677 101.9 ? 
48 N1 ? F NCO . ? B NCO 101 ? 5_677 CO ? F NCO . ? B NCO 101 ? 5_677 N5 ? F NCO . ? B NCO 101 ? 5_677 89.0  ? 
49 N2 ? F NCO . ? B NCO 101 ? 5_677 CO ? F NCO . ? B NCO 101 ? 5_677 N5 ? F NCO . ? B NCO 101 ? 5_677 89.6  ? 
50 N3 ? F NCO . ? B NCO 101 ? 5_677 CO ? F NCO . ? B NCO 101 ? 5_677 N5 ? F NCO . ? B NCO 101 ? 5_677 179.5 ? 
51 N4 ? F NCO . ? B NCO 101 ? 5_677 CO ? F NCO . ? B NCO 101 ? 5_677 N5 ? F NCO . ? B NCO 101 ? 5_677 89.8  ? 
52 N1 ? C NCO . ? A NCO 101 ? 1_555 CO ? F NCO . ? B NCO 101 ? 5_677 N6 ? F NCO . ? B NCO 101 ? 5_677 82.8  ? 
53 N1 ? F NCO . ? B NCO 101 ? 5_677 CO ? F NCO . ? B NCO 101 ? 5_677 N6 ? F NCO . ? B NCO 101 ? 5_677 90.1  ? 
54 N2 ? F NCO . ? B NCO 101 ? 5_677 CO ? F NCO . ? B NCO 101 ? 5_677 N6 ? F NCO . ? B NCO 101 ? 5_677 89.9  ? 
55 N3 ? F NCO . ? B NCO 101 ? 5_677 CO ? F NCO . ? B NCO 101 ? 5_677 N6 ? F NCO . ? B NCO 101 ? 5_677 88.1  ? 
56 N4 ? F NCO . ? B NCO 101 ? 5_677 CO ? F NCO . ? B NCO 101 ? 5_677 N6 ? F NCO . ? B NCO 101 ? 5_677 178.4 ? 
57 N5 ? F NCO . ? B NCO 101 ? 5_677 CO ? F NCO . ? B NCO 101 ? 5_677 N6 ? F NCO . ? B NCO 101 ? 5_677 91.8  ? 
58 N1 ? C NCO . ? A NCO 101 ? 1_555 CO ? F NCO . ? B NCO 101 ? 5_677 N2 ? C NCO . ? A NCO 101 ? 1_555 129.0 ? 
59 N1 ? F NCO . ? B NCO 101 ? 5_677 CO ? F NCO . ? B NCO 101 ? 5_677 N2 ? C NCO . ? A NCO 101 ? 1_555 38.6  ? 
60 N2 ? F NCO . ? B NCO 101 ? 5_677 CO ? F NCO . ? B NCO 101 ? 5_677 N2 ? C NCO . ? A NCO 101 ? 1_555 142.2 ? 
61 N3 ? F NCO . ? B NCO 101 ? 5_677 CO ? F NCO . ? B NCO 101 ? 5_677 N2 ? C NCO . ? A NCO 101 ? 1_555 67.6  ? 
62 N4 ? F NCO . ? B NCO 101 ? 5_677 CO ? F NCO . ? B NCO 101 ? 5_677 N2 ? C NCO . ? A NCO 101 ? 1_555 118.4 ? 
63 N5 ? F NCO . ? B NCO 101 ? 5_677 CO ? F NCO . ? B NCO 101 ? 5_677 N2 ? C NCO . ? A NCO 101 ? 1_555 112.8 ? 
64 N6 ? F NCO . ? B NCO 101 ? 5_677 CO ? F NCO . ? B NCO 101 ? 5_677 N2 ? C NCO . ? A NCO 101 ? 1_555 60.8  ? 
65 N1 ? C NCO . ? A NCO 101 ? 1_555 CO ? F NCO . ? B NCO 101 ? 5_677 N3 ? C NCO . ? A NCO 101 ? 1_555 63.3  ? 
66 N1 ? F NCO . ? B NCO 101 ? 5_677 CO ? F NCO . ? B NCO 101 ? 5_677 N3 ? C NCO . ? A NCO 101 ? 1_555 108.2 ? 
67 N2 ? F NCO . ? B NCO 101 ? 5_677 CO ? F NCO . ? B NCO 101 ? 5_677 N3 ? C NCO . ? A NCO 101 ? 1_555 72.0  ? 
68 N3 ? F NCO . ? B NCO 101 ? 5_677 CO ? F NCO . ? B NCO 101 ? 5_677 N3 ? C NCO . ? A NCO 101 ? 1_555 78.6  ? 
69 N4 ? F NCO . ? B NCO 101 ? 5_677 CO ? F NCO . ? B NCO 101 ? 5_677 N3 ? C NCO . ? A NCO 101 ? 1_555 158.9 ? 
70 N5 ? F NCO . ? B NCO 101 ? 5_677 CO ? F NCO . ? B NCO 101 ? 5_677 N3 ? C NCO . ? A NCO 101 ? 1_555 101.2 ? 
71 N6 ? F NCO . ? B NCO 101 ? 5_677 CO ? F NCO . ? B NCO 101 ? 5_677 N3 ? C NCO . ? A NCO 101 ? 1_555 20.4  ? 
72 N2 ? C NCO . ? A NCO 101 ? 1_555 CO ? F NCO . ? B NCO 101 ? 5_677 N3 ? C NCO . ? A NCO 101 ? 1_555 74.0  ? 
73 N1 ? C NCO . ? A NCO 101 ? 1_555 CO ? F NCO . ? B NCO 101 ? 5_677 N6 ? C NCO . ? A NCO 101 ? 1_555 64.2  ? 
74 N1 ? F NCO . ? B NCO 101 ? 5_677 CO ? F NCO . ? B NCO 101 ? 5_677 N6 ? C NCO . ? A NCO 101 ? 1_555 103.6 ? 
75 N2 ? F NCO . ? B NCO 101 ? 5_677 CO ? F NCO . ? B NCO 101 ? 5_677 N6 ? C NCO . ? A NCO 101 ? 1_555 77.7  ? 
76 N3 ? F NCO . ? B NCO 101 ? 5_677 CO ? F NCO . ? B NCO 101 ? 5_677 N6 ? C NCO . ? A NCO 101 ? 1_555 18.3  ? 
77 N4 ? F NCO . ? B NCO 101 ? 5_677 CO ? F NCO . ? B NCO 101 ? 5_677 N6 ? C NCO . ? A NCO 101 ? 1_555 103.7 ? 
78 N5 ? F NCO . ? B NCO 101 ? 5_677 CO ? F NCO . ? B NCO 101 ? 5_677 N6 ? C NCO . ? A NCO 101 ? 1_555 161.4 ? 
79 N6 ? F NCO . ? B NCO 101 ? 5_677 CO ? F NCO . ? B NCO 101 ? 5_677 N6 ? C NCO . ? A NCO 101 ? 1_555 74.8  ? 
80 N2 ? C NCO . ? A NCO 101 ? 1_555 CO ? F NCO . ? B NCO 101 ? 5_677 N6 ? C NCO . ? A NCO 101 ? 1_555 72.2  ? 
81 N3 ? C NCO . ? A NCO 101 ? 1_555 CO ? F NCO . ? B NCO 101 ? 5_677 N6 ? C NCO . ? A NCO 101 ? 1_555 62.1  ? 
# 
loop_
_struct_site.id 
_struct_site.pdbx_evidence_code 
_struct_site.pdbx_auth_asym_id 
_struct_site.pdbx_auth_comp_id 
_struct_site.pdbx_auth_seq_id 
_struct_site.pdbx_auth_ins_code 
_struct_site.pdbx_num_residues 
_struct_site.details 
AC1 Software A NCO 102 ? 5  'binding site for residue NCO A 102'                  
AC2 Software A NCO 103 ? 2  'binding site for residue NCO A 103'                  
AC3 Software A NCO 101 ? 10 'binding site for residues NCO A 101 and NCO B 101'   
AC4 Software B DT  20  ? 9  'binding site for Di-nucleotide DT B 20 and S6M B 21' 
AC5 Software B S6M 21  ? 9  'binding site for Di-nucleotide S6M B 21 and DG B 22' 
# 
loop_
_struct_site_gen.id 
_struct_site_gen.site_id 
_struct_site_gen.pdbx_num_res 
_struct_site_gen.label_comp_id 
_struct_site_gen.label_asym_id 
_struct_site_gen.label_seq_id 
_struct_site_gen.pdbx_auth_ins_code 
_struct_site_gen.auth_comp_id 
_struct_site_gen.auth_asym_id 
_struct_site_gen.auth_seq_id 
_struct_site_gen.label_atom_id 
_struct_site_gen.label_alt_id 
_struct_site_gen.symmetry 
_struct_site_gen.details 
1  AC1 5  S6M A 9  ? S6M A 9   . ? 1_555 ? 
2  AC1 5  DC  A 11 ? DC  A 11  . ? 4_557 ? 
3  AC1 5  DG  A 12 ? DG  A 12  . ? 4_557 ? 
4  AC1 5  DA  B 6  ? DA  B 18  . ? 1_555 ? 
5  AC1 5  DT  B 7  ? DT  B 19  . ? 1_555 ? 
6  AC2 2  DG  A 12 ? DG  A 12  . ? 1_555 ? 
7  AC2 2  DA  B 6  ? DA  B 18  . ? 4_557 ? 
8  AC3 10 DA  A 6  ? DA  A 6   . ? 1_555 ? 
9  AC3 10 DA  A 6  ? DA  A 6   . ? 5_677 ? 
10 AC3 10 DT  A 7  ? DT  A 7   . ? 1_555 ? 
11 AC3 10 DT  A 7  ? DT  A 7   . ? 5_677 ? 
12 AC3 10 S6M B 9  ? S6M B 21  . ? 1_555 ? 
13 AC3 10 S6M B 9  ? S6M B 21  . ? 5_677 ? 
14 AC3 10 DC  B 11 ? DC  B 23  . ? 1_555 ? 
15 AC3 10 DC  B 11 ? DC  B 23  . ? 5_677 ? 
16 AC3 10 DG  B 12 ? DG  B 24  . ? 1_555 ? 
17 AC3 10 DG  B 12 ? DG  B 24  . ? 5_677 ? 
18 AC4 9  DC  A 3  ? DC  A 3   . ? 1_555 ? 
19 AC4 9  DA  A 4  ? DA  A 4   . ? 1_555 ? 
20 AC4 9  DA  A 5  ? DA  A 5   . ? 1_555 ? 
21 AC4 9  DA  A 6  ? DA  A 6   . ? 1_555 ? 
22 AC4 9  NCO C .  ? NCO A 101 . ? 1_555 ? 
23 AC4 9  DT  B 7  ? DT  B 19  . ? 1_555 ? 
24 AC4 9  DG  B 10 ? DG  B 22  . ? 1_555 ? 
25 AC4 9  NCO F .  ? NCO B 101 . ? 5_677 ? 
26 AC4 9  HOH H .  ? HOH B 202 . ? 1_555 ? 
27 AC5 9  DG  A 2  ? DG  A 2   . ? 1_555 ? 
28 AC5 9  DC  A 3  ? DC  A 3   . ? 1_555 ? 
29 AC5 9  DA  A 4  ? DA  A 4   . ? 1_555 ? 
30 AC5 9  DA  A 5  ? DA  A 5   . ? 1_555 ? 
31 AC5 9  DG  A 12 ? DG  A 12  . ? 3_565 ? 
32 AC5 9  NCO C .  ? NCO A 101 . ? 1_555 ? 
33 AC5 9  DT  B 8  ? DT  B 20  . ? 1_555 ? 
34 AC5 9  DC  B 11 ? DC  B 23  . ? 1_555 ? 
35 AC5 9  NCO F .  ? NCO B 101 . ? 5_677 ? 
# 
loop_
_pdbx_validate_rmsd_angle.id 
_pdbx_validate_rmsd_angle.PDB_model_num 
_pdbx_validate_rmsd_angle.auth_atom_id_1 
_pdbx_validate_rmsd_angle.auth_asym_id_1 
_pdbx_validate_rmsd_angle.auth_comp_id_1 
_pdbx_validate_rmsd_angle.auth_seq_id_1 
_pdbx_validate_rmsd_angle.PDB_ins_code_1 
_pdbx_validate_rmsd_angle.label_alt_id_1 
_pdbx_validate_rmsd_angle.auth_atom_id_2 
_pdbx_validate_rmsd_angle.auth_asym_id_2 
_pdbx_validate_rmsd_angle.auth_comp_id_2 
_pdbx_validate_rmsd_angle.auth_seq_id_2 
_pdbx_validate_rmsd_angle.PDB_ins_code_2 
_pdbx_validate_rmsd_angle.label_alt_id_2 
_pdbx_validate_rmsd_angle.auth_atom_id_3 
_pdbx_validate_rmsd_angle.auth_asym_id_3 
_pdbx_validate_rmsd_angle.auth_comp_id_3 
_pdbx_validate_rmsd_angle.auth_seq_id_3 
_pdbx_validate_rmsd_angle.PDB_ins_code_3 
_pdbx_validate_rmsd_angle.label_alt_id_3 
_pdbx_validate_rmsd_angle.angle_value 
_pdbx_validate_rmsd_angle.angle_target_value 
_pdbx_validate_rmsd_angle.angle_deviation 
_pdbx_validate_rmsd_angle.angle_standard_deviation 
_pdbx_validate_rmsd_angle.linker_flag 
1 1 "O3'" A S6M 9  ? ? P A DG  10 ? ? OP2   A DG  10 ? ? 121.51 110.50 11.01  1.10 Y 
2 1 "O3'" B DT  20 ? ? P B S6M 21 ? ? "O5'" B S6M 21 ? ? 89.30  104.00 -14.70 1.90 Y 
3 1 "O3'" B DT  20 ? ? P B S6M 21 ? ? OP1   B S6M 21 ? ? 121.33 110.50 10.83  1.10 Y 
# 
loop_
_pdbx_unobs_or_zero_occ_residues.id 
_pdbx_unobs_or_zero_occ_residues.PDB_model_num 
_pdbx_unobs_or_zero_occ_residues.polymer_flag 
_pdbx_unobs_or_zero_occ_residues.occupancy_flag 
_pdbx_unobs_or_zero_occ_residues.auth_asym_id 
_pdbx_unobs_or_zero_occ_residues.auth_comp_id 
_pdbx_unobs_or_zero_occ_residues.auth_seq_id 
_pdbx_unobs_or_zero_occ_residues.PDB_ins_code 
_pdbx_unobs_or_zero_occ_residues.label_asym_id 
_pdbx_unobs_or_zero_occ_residues.label_comp_id 
_pdbx_unobs_or_zero_occ_residues.label_seq_id 
1 1 Y 1 A DC 1  ? A DC 1 
2 1 Y 1 B DC 13 ? B DC 1 
# 
loop_
_chem_comp_atom.comp_id 
_chem_comp_atom.atom_id 
_chem_comp_atom.type_symbol 
_chem_comp_atom.pdbx_aromatic_flag 
_chem_comp_atom.pdbx_stereo_config 
_chem_comp_atom.pdbx_ordinal 
DA  OP3    O  N N 1   
DA  P      P  N N 2   
DA  OP1    O  N N 3   
DA  OP2    O  N N 4   
DA  "O5'"  O  N N 5   
DA  "C5'"  C  N N 6   
DA  "C4'"  C  N R 7   
DA  "O4'"  O  N N 8   
DA  "C3'"  C  N S 9   
DA  "O3'"  O  N N 10  
DA  "C2'"  C  N N 11  
DA  "C1'"  C  N R 12  
DA  N9     N  Y N 13  
DA  C8     C  Y N 14  
DA  N7     N  Y N 15  
DA  C5     C  Y N 16  
DA  C6     C  Y N 17  
DA  N6     N  N N 18  
DA  N1     N  Y N 19  
DA  C2     C  Y N 20  
DA  N3     N  Y N 21  
DA  C4     C  Y N 22  
DA  HOP3   H  N N 23  
DA  HOP2   H  N N 24  
DA  "H5'"  H  N N 25  
DA  "H5''" H  N N 26  
DA  "H4'"  H  N N 27  
DA  "H3'"  H  N N 28  
DA  "HO3'" H  N N 29  
DA  "H2'"  H  N N 30  
DA  "H2''" H  N N 31  
DA  "H1'"  H  N N 32  
DA  H8     H  N N 33  
DA  H61    H  N N 34  
DA  H62    H  N N 35  
DA  H2     H  N N 36  
DC  OP3    O  N N 37  
DC  P      P  N N 38  
DC  OP1    O  N N 39  
DC  OP2    O  N N 40  
DC  "O5'"  O  N N 41  
DC  "C5'"  C  N N 42  
DC  "C4'"  C  N R 43  
DC  "O4'"  O  N N 44  
DC  "C3'"  C  N S 45  
DC  "O3'"  O  N N 46  
DC  "C2'"  C  N N 47  
DC  "C1'"  C  N R 48  
DC  N1     N  N N 49  
DC  C2     C  N N 50  
DC  O2     O  N N 51  
DC  N3     N  N N 52  
DC  C4     C  N N 53  
DC  N4     N  N N 54  
DC  C5     C  N N 55  
DC  C6     C  N N 56  
DC  HOP3   H  N N 57  
DC  HOP2   H  N N 58  
DC  "H5'"  H  N N 59  
DC  "H5''" H  N N 60  
DC  "H4'"  H  N N 61  
DC  "H3'"  H  N N 62  
DC  "HO3'" H  N N 63  
DC  "H2'"  H  N N 64  
DC  "H2''" H  N N 65  
DC  "H1'"  H  N N 66  
DC  H41    H  N N 67  
DC  H42    H  N N 68  
DC  H5     H  N N 69  
DC  H6     H  N N 70  
DG  OP3    O  N N 71  
DG  P      P  N N 72  
DG  OP1    O  N N 73  
DG  OP2    O  N N 74  
DG  "O5'"  O  N N 75  
DG  "C5'"  C  N N 76  
DG  "C4'"  C  N R 77  
DG  "O4'"  O  N N 78  
DG  "C3'"  C  N S 79  
DG  "O3'"  O  N N 80  
DG  "C2'"  C  N N 81  
DG  "C1'"  C  N R 82  
DG  N9     N  Y N 83  
DG  C8     C  Y N 84  
DG  N7     N  Y N 85  
DG  C5     C  Y N 86  
DG  C6     C  N N 87  
DG  O6     O  N N 88  
DG  N1     N  N N 89  
DG  C2     C  N N 90  
DG  N2     N  N N 91  
DG  N3     N  N N 92  
DG  C4     C  Y N 93  
DG  HOP3   H  N N 94  
DG  HOP2   H  N N 95  
DG  "H5'"  H  N N 96  
DG  "H5''" H  N N 97  
DG  "H4'"  H  N N 98  
DG  "H3'"  H  N N 99  
DG  "HO3'" H  N N 100 
DG  "H2'"  H  N N 101 
DG  "H2''" H  N N 102 
DG  "H1'"  H  N N 103 
DG  H8     H  N N 104 
DG  H1     H  N N 105 
DG  H21    H  N N 106 
DG  H22    H  N N 107 
DT  OP3    O  N N 108 
DT  P      P  N N 109 
DT  OP1    O  N N 110 
DT  OP2    O  N N 111 
DT  "O5'"  O  N N 112 
DT  "C5'"  C  N N 113 
DT  "C4'"  C  N R 114 
DT  "O4'"  O  N N 115 
DT  "C3'"  C  N S 116 
DT  "O3'"  O  N N 117 
DT  "C2'"  C  N N 118 
DT  "C1'"  C  N R 119 
DT  N1     N  N N 120 
DT  C2     C  N N 121 
DT  O2     O  N N 122 
DT  N3     N  N N 123 
DT  C4     C  N N 124 
DT  O4     O  N N 125 
DT  C5     C  N N 126 
DT  C7     C  N N 127 
DT  C6     C  N N 128 
DT  HOP3   H  N N 129 
DT  HOP2   H  N N 130 
DT  "H5'"  H  N N 131 
DT  "H5''" H  N N 132 
DT  "H4'"  H  N N 133 
DT  "H3'"  H  N N 134 
DT  "HO3'" H  N N 135 
DT  "H2'"  H  N N 136 
DT  "H2''" H  N N 137 
DT  "H1'"  H  N N 138 
DT  H3     H  N N 139 
DT  H71    H  N N 140 
DT  H72    H  N N 141 
DT  H73    H  N N 142 
DT  H6     H  N N 143 
HOH O      O  N N 144 
HOH H1     H  N N 145 
HOH H2     H  N N 146 
NCO CO     CO N N 147 
NCO N1     N  N N 148 
NCO N2     N  N N 149 
NCO N3     N  N N 150 
NCO N4     N  N N 151 
NCO N5     N  N N 152 
NCO N6     N  N N 153 
NCO HN11   H  N N 154 
NCO HN12   H  N N 155 
NCO HN13   H  N N 156 
NCO HN21   H  N N 157 
NCO HN22   H  N N 158 
NCO HN23   H  N N 159 
NCO HN31   H  N N 160 
NCO HN32   H  N N 161 
NCO HN33   H  N N 162 
NCO HN41   H  N N 163 
NCO HN42   H  N N 164 
NCO HN43   H  N N 165 
NCO HN51   H  N N 166 
NCO HN52   H  N N 167 
NCO HN53   H  N N 168 
NCO HN61   H  N N 169 
NCO HN62   H  N N 170 
NCO HN63   H  N N 171 
S6M P      P  N N 172 
S6M OP1    O  N N 173 
S6M "O5'"  O  N N 174 
S6M "C5'"  C  N N 175 
S6M "C4'"  C  N R 176 
S6M "C3'"  C  N S 177 
S6M "O3'"  O  N N 178 
S6M "C2'"  C  N R 179 
S6M "C1'"  C  N R 180 
S6M "O4'"  O  N N 181 
S6M N1     N  N N 182 
S6M C6     C  N N 183 
S6M C5     C  N N 184 
S6M C4     C  N N 185 
S6M N3     N  N N 186 
S6M C2     C  N N 187 
S6M O2     O  N N 188 
S6M O4     O  N N 189 
S6M OP2    O  N N 190 
S6M C11    C  Y N 191 
S6M C12    C  Y N 192 
S6M N13    N  Y N 193 
S6M N14    N  Y N 194 
S6M N15    N  Y N 195 
S6M C17    C  N N 196 
S6M C18    C  N N 197 
S6M C19    C  N N 198 
S6M N20    N  N N 199 
S6M C21    C  N N 200 
S6M C22    C  N N 201 
S6M C23    C  N N 202 
S6M C24    C  N N 203 
S6M C25    C  N N 204 
S6M C26    C  N N 205 
S6M O27    O  N N 206 
S6M H2     H  N N 207 
S6M H3     H  N N 208 
S6M H4     H  N N 209 
S6M H5     H  N N 210 
S6M H6     H  N N 211 
S6M H7     H  N N 212 
S6M H8     H  N N 213 
S6M H9     H  N N 214 
S6M H10    H  N N 215 
S6M H11    H  N N 216 
S6M H12    H  N N 217 
S6M H13    H  N N 218 
S6M H14    H  N N 219 
S6M H15    H  N N 220 
S6M H16    H  N N 221 
S6M H17    H  N N 222 
S6M H18    H  N N 223 
S6M H19    H  N N 224 
S6M H20    H  N N 225 
S6M H21    H  N N 226 
S6M H22    H  N N 227 
S6M H23    H  N N 228 
S6M H24    H  N N 229 
S6M H25    H  N N 230 
S6M H26    H  N N 231 
S6M H27    H  N N 232 
S6M H28    H  N N 233 
S6M H29    H  N N 234 
S6M H30    H  N N 235 
S6M H31    H  N N 236 
S6M O1     O  N N 237 
S6M H1     H  N N 238 
# 
loop_
_chem_comp_bond.comp_id 
_chem_comp_bond.atom_id_1 
_chem_comp_bond.atom_id_2 
_chem_comp_bond.value_order 
_chem_comp_bond.pdbx_aromatic_flag 
_chem_comp_bond.pdbx_stereo_config 
_chem_comp_bond.pdbx_ordinal 
DA  OP3   P      sing N N 1   
DA  OP3   HOP3   sing N N 2   
DA  P     OP1    doub N N 3   
DA  P     OP2    sing N N 4   
DA  P     "O5'"  sing N N 5   
DA  OP2   HOP2   sing N N 6   
DA  "O5'" "C5'"  sing N N 7   
DA  "C5'" "C4'"  sing N N 8   
DA  "C5'" "H5'"  sing N N 9   
DA  "C5'" "H5''" sing N N 10  
DA  "C4'" "O4'"  sing N N 11  
DA  "C4'" "C3'"  sing N N 12  
DA  "C4'" "H4'"  sing N N 13  
DA  "O4'" "C1'"  sing N N 14  
DA  "C3'" "O3'"  sing N N 15  
DA  "C3'" "C2'"  sing N N 16  
DA  "C3'" "H3'"  sing N N 17  
DA  "O3'" "HO3'" sing N N 18  
DA  "C2'" "C1'"  sing N N 19  
DA  "C2'" "H2'"  sing N N 20  
DA  "C2'" "H2''" sing N N 21  
DA  "C1'" N9     sing N N 22  
DA  "C1'" "H1'"  sing N N 23  
DA  N9    C8     sing Y N 24  
DA  N9    C4     sing Y N 25  
DA  C8    N7     doub Y N 26  
DA  C8    H8     sing N N 27  
DA  N7    C5     sing Y N 28  
DA  C5    C6     sing Y N 29  
DA  C5    C4     doub Y N 30  
DA  C6    N6     sing N N 31  
DA  C6    N1     doub Y N 32  
DA  N6    H61    sing N N 33  
DA  N6    H62    sing N N 34  
DA  N1    C2     sing Y N 35  
DA  C2    N3     doub Y N 36  
DA  C2    H2     sing N N 37  
DA  N3    C4     sing Y N 38  
DC  OP3   P      sing N N 39  
DC  OP3   HOP3   sing N N 40  
DC  P     OP1    doub N N 41  
DC  P     OP2    sing N N 42  
DC  P     "O5'"  sing N N 43  
DC  OP2   HOP2   sing N N 44  
DC  "O5'" "C5'"  sing N N 45  
DC  "C5'" "C4'"  sing N N 46  
DC  "C5'" "H5'"  sing N N 47  
DC  "C5'" "H5''" sing N N 48  
DC  "C4'" "O4'"  sing N N 49  
DC  "C4'" "C3'"  sing N N 50  
DC  "C4'" "H4'"  sing N N 51  
DC  "O4'" "C1'"  sing N N 52  
DC  "C3'" "O3'"  sing N N 53  
DC  "C3'" "C2'"  sing N N 54  
DC  "C3'" "H3'"  sing N N 55  
DC  "O3'" "HO3'" sing N N 56  
DC  "C2'" "C1'"  sing N N 57  
DC  "C2'" "H2'"  sing N N 58  
DC  "C2'" "H2''" sing N N 59  
DC  "C1'" N1     sing N N 60  
DC  "C1'" "H1'"  sing N N 61  
DC  N1    C2     sing N N 62  
DC  N1    C6     sing N N 63  
DC  C2    O2     doub N N 64  
DC  C2    N3     sing N N 65  
DC  N3    C4     doub N N 66  
DC  C4    N4     sing N N 67  
DC  C4    C5     sing N N 68  
DC  N4    H41    sing N N 69  
DC  N4    H42    sing N N 70  
DC  C5    C6     doub N N 71  
DC  C5    H5     sing N N 72  
DC  C6    H6     sing N N 73  
DG  OP3   P      sing N N 74  
DG  OP3   HOP3   sing N N 75  
DG  P     OP1    doub N N 76  
DG  P     OP2    sing N N 77  
DG  P     "O5'"  sing N N 78  
DG  OP2   HOP2   sing N N 79  
DG  "O5'" "C5'"  sing N N 80  
DG  "C5'" "C4'"  sing N N 81  
DG  "C5'" "H5'"  sing N N 82  
DG  "C5'" "H5''" sing N N 83  
DG  "C4'" "O4'"  sing N N 84  
DG  "C4'" "C3'"  sing N N 85  
DG  "C4'" "H4'"  sing N N 86  
DG  "O4'" "C1'"  sing N N 87  
DG  "C3'" "O3'"  sing N N 88  
DG  "C3'" "C2'"  sing N N 89  
DG  "C3'" "H3'"  sing N N 90  
DG  "O3'" "HO3'" sing N N 91  
DG  "C2'" "C1'"  sing N N 92  
DG  "C2'" "H2'"  sing N N 93  
DG  "C2'" "H2''" sing N N 94  
DG  "C1'" N9     sing N N 95  
DG  "C1'" "H1'"  sing N N 96  
DG  N9    C8     sing Y N 97  
DG  N9    C4     sing Y N 98  
DG  C8    N7     doub Y N 99  
DG  C8    H8     sing N N 100 
DG  N7    C5     sing Y N 101 
DG  C5    C6     sing N N 102 
DG  C5    C4     doub Y N 103 
DG  C6    O6     doub N N 104 
DG  C6    N1     sing N N 105 
DG  N1    C2     sing N N 106 
DG  N1    H1     sing N N 107 
DG  C2    N2     sing N N 108 
DG  C2    N3     doub N N 109 
DG  N2    H21    sing N N 110 
DG  N2    H22    sing N N 111 
DG  N3    C4     sing N N 112 
DT  OP3   P      sing N N 113 
DT  OP3   HOP3   sing N N 114 
DT  P     OP1    doub N N 115 
DT  P     OP2    sing N N 116 
DT  P     "O5'"  sing N N 117 
DT  OP2   HOP2   sing N N 118 
DT  "O5'" "C5'"  sing N N 119 
DT  "C5'" "C4'"  sing N N 120 
DT  "C5'" "H5'"  sing N N 121 
DT  "C5'" "H5''" sing N N 122 
DT  "C4'" "O4'"  sing N N 123 
DT  "C4'" "C3'"  sing N N 124 
DT  "C4'" "H4'"  sing N N 125 
DT  "O4'" "C1'"  sing N N 126 
DT  "C3'" "O3'"  sing N N 127 
DT  "C3'" "C2'"  sing N N 128 
DT  "C3'" "H3'"  sing N N 129 
DT  "O3'" "HO3'" sing N N 130 
DT  "C2'" "C1'"  sing N N 131 
DT  "C2'" "H2'"  sing N N 132 
DT  "C2'" "H2''" sing N N 133 
DT  "C1'" N1     sing N N 134 
DT  "C1'" "H1'"  sing N N 135 
DT  N1    C2     sing N N 136 
DT  N1    C6     sing N N 137 
DT  C2    O2     doub N N 138 
DT  C2    N3     sing N N 139 
DT  N3    C4     sing N N 140 
DT  N3    H3     sing N N 141 
DT  C4    O4     doub N N 142 
DT  C4    C5     sing N N 143 
DT  C5    C7     sing N N 144 
DT  C5    C6     doub N N 145 
DT  C7    H71    sing N N 146 
DT  C7    H72    sing N N 147 
DT  C7    H73    sing N N 148 
DT  C6    H6     sing N N 149 
HOH O     H1     sing N N 150 
HOH O     H2     sing N N 151 
NCO CO    N1     sing N N 152 
NCO CO    N2     sing N N 153 
NCO CO    N3     sing N N 154 
NCO CO    N4     sing N N 155 
NCO CO    N5     sing N N 156 
NCO CO    N6     sing N N 157 
NCO N1    HN11   sing N N 158 
NCO N1    HN12   sing N N 159 
NCO N1    HN13   sing N N 160 
NCO N2    HN21   sing N N 161 
NCO N2    HN22   sing N N 162 
NCO N2    HN23   sing N N 163 
NCO N3    HN31   sing N N 164 
NCO N3    HN32   sing N N 165 
NCO N3    HN33   sing N N 166 
NCO N4    HN41   sing N N 167 
NCO N4    HN42   sing N N 168 
NCO N4    HN43   sing N N 169 
NCO N5    HN51   sing N N 170 
NCO N5    HN52   sing N N 171 
NCO N5    HN53   sing N N 172 
NCO N6    HN61   sing N N 173 
NCO N6    HN62   sing N N 174 
NCO N6    HN63   sing N N 175 
S6M C26   C21    sing N N 176 
S6M C21   C22    sing N N 177 
S6M C21   C25    sing N N 178 
S6M C21   N20    sing N N 179 
S6M O27   N20    sing N N 180 
S6M O4    C4     doub N N 181 
S6M C22   C17    sing N N 182 
S6M C4    C5     sing N N 183 
S6M C4    N3     sing N N 184 
S6M C5    C6     doub N N 185 
S6M N3    C2     sing N N 186 
S6M N20   C19    sing N N 187 
S6M C12   C11    doub Y N 188 
S6M C12   N13    sing Y N 189 
S6M C2    N1     sing N N 190 
S6M C2    O2     doub N N 191 
S6M C6    N1     sing N N 192 
S6M "C2'" "C3'"  sing N N 193 
S6M "C2'" C11    sing N N 194 
S6M "C2'" "C1'"  sing N N 195 
S6M N1    "C1'"  sing N N 196 
S6M "O3'" "C3'"  sing N N 197 
S6M "C3'" "C4'"  sing N N 198 
S6M OP1   P      doub N N 199 
S6M C17   N13    sing N N 200 
S6M C17   C18    sing N N 201 
S6M C11   N15    sing Y N 202 
S6M N13   N14    sing Y N 203 
S6M C24   C19    sing N N 204 
S6M C19   C18    sing N N 205 
S6M C19   C23    sing N N 206 
S6M "C1'" "O4'"  sing N N 207 
S6M "O5'" P      sing N N 208 
S6M "O5'" "C5'"  sing N N 209 
S6M N15   N14    doub Y N 210 
S6M P     OP2    sing N N 211 
S6M "C4'" "O4'"  sing N N 212 
S6M "C4'" "C5'"  sing N N 213 
S6M "C5'" H2     sing N N 214 
S6M "C5'" H3     sing N N 215 
S6M "C4'" H4     sing N N 216 
S6M "C3'" H5     sing N N 217 
S6M "O3'" H6     sing N N 218 
S6M "C2'" H7     sing N N 219 
S6M "C1'" H8     sing N N 220 
S6M C6    H9     sing N N 221 
S6M C5    H10    sing N N 222 
S6M N3    H11    sing N N 223 
S6M OP2   H12    sing N N 224 
S6M C12   H13    sing N N 225 
S6M C17   H14    sing N N 226 
S6M C18   H15    sing N N 227 
S6M C18   H16    sing N N 228 
S6M C22   H17    sing N N 229 
S6M C22   H18    sing N N 230 
S6M C23   H19    sing N N 231 
S6M C23   H20    sing N N 232 
S6M C23   H21    sing N N 233 
S6M C24   H22    sing N N 234 
S6M C24   H23    sing N N 235 
S6M C24   H24    sing N N 236 
S6M C25   H25    sing N N 237 
S6M C25   H26    sing N N 238 
S6M C25   H27    sing N N 239 
S6M C26   H28    sing N N 240 
S6M C26   H29    sing N N 241 
S6M C26   H30    sing N N 242 
S6M O27   H31    sing N N 243 
S6M P     O1     sing N N 244 
S6M O1    H1     sing N N 245 
# 
loop_
_ndb_struct_conf_na.entry_id 
_ndb_struct_conf_na.feature 
6QJS 'double helix'        
6QJS 'b-form double helix' 
# 
loop_
_ndb_struct_na_base_pair.model_number 
_ndb_struct_na_base_pair.i_label_asym_id 
_ndb_struct_na_base_pair.i_label_comp_id 
_ndb_struct_na_base_pair.i_label_seq_id 
_ndb_struct_na_base_pair.i_symmetry 
_ndb_struct_na_base_pair.j_label_asym_id 
_ndb_struct_na_base_pair.j_label_comp_id 
_ndb_struct_na_base_pair.j_label_seq_id 
_ndb_struct_na_base_pair.j_symmetry 
_ndb_struct_na_base_pair.shear 
_ndb_struct_na_base_pair.stretch 
_ndb_struct_na_base_pair.stagger 
_ndb_struct_na_base_pair.buckle 
_ndb_struct_na_base_pair.propeller 
_ndb_struct_na_base_pair.opening 
_ndb_struct_na_base_pair.pair_number 
_ndb_struct_na_base_pair.pair_name 
_ndb_struct_na_base_pair.i_auth_asym_id 
_ndb_struct_na_base_pair.i_auth_seq_id 
_ndb_struct_na_base_pair.i_PDB_ins_code 
_ndb_struct_na_base_pair.j_auth_asym_id 
_ndb_struct_na_base_pair.j_auth_seq_id 
_ndb_struct_na_base_pair.j_PDB_ins_code 
_ndb_struct_na_base_pair.hbond_type_28 
_ndb_struct_na_base_pair.hbond_type_12 
1 A DG 2  1_555 B DC 11 1_555 -0.225 -0.220 -0.051 -9.330 -1.377  -1.301 1 A_DG2:DC23_B  A 2  ? B 23 ? 19 1 
1 A DC 3  1_555 B DG 10 1_555 0.319  -0.063 0.325  -5.976 -0.147  -1.141 2 A_DC3:DG22_B  A 3  ? B 22 ? 19 1 
1 A DA 5  1_555 B DT 8  1_555 0.042  -0.061 -0.012 6.737  -17.004 5.611  3 A_DA5:DT20_B  A 5  ? B 20 ? 20 1 
1 A DA 6  1_555 B DT 7  1_555 0.112  -0.202 0.128  4.349  -16.983 6.298  4 A_DA6:DT19_B  A 6  ? B 19 ? 20 1 
1 A DT 7  1_555 B DA 6  1_555 -0.049 -0.137 0.182  -0.372 -15.144 9.314  5 A_DT7:DA18_B  A 7  ? B 18 ? 20 1 
1 A DT 8  1_555 B DA 5  1_555 -0.019 -0.171 0.004  -6.604 -14.238 4.507  6 A_DT8:DA17_B  A 8  ? B 17 ? 20 1 
1 A DG 10 1_555 B DC 3  1_555 -0.227 -0.265 -0.227 -1.059 1.940   -0.956 7 A_DG10:DC15_B A 10 ? B 15 ? 19 1 
1 A DC 11 1_555 B DG 2  1_555 0.177  -0.134 0.076  7.280  1.277   -6.068 8 A_DC11:DG14_B A 11 ? B 14 ? 19 1 
# 
loop_
_ndb_struct_na_base_pair_step.model_number 
_ndb_struct_na_base_pair_step.i_label_asym_id_1 
_ndb_struct_na_base_pair_step.i_label_comp_id_1 
_ndb_struct_na_base_pair_step.i_label_seq_id_1 
_ndb_struct_na_base_pair_step.i_symmetry_1 
_ndb_struct_na_base_pair_step.j_label_asym_id_1 
_ndb_struct_na_base_pair_step.j_label_comp_id_1 
_ndb_struct_na_base_pair_step.j_label_seq_id_1 
_ndb_struct_na_base_pair_step.j_symmetry_1 
_ndb_struct_na_base_pair_step.i_label_asym_id_2 
_ndb_struct_na_base_pair_step.i_label_comp_id_2 
_ndb_struct_na_base_pair_step.i_label_seq_id_2 
_ndb_struct_na_base_pair_step.i_symmetry_2 
_ndb_struct_na_base_pair_step.j_label_asym_id_2 
_ndb_struct_na_base_pair_step.j_label_comp_id_2 
_ndb_struct_na_base_pair_step.j_label_seq_id_2 
_ndb_struct_na_base_pair_step.j_symmetry_2 
_ndb_struct_na_base_pair_step.shift 
_ndb_struct_na_base_pair_step.slide 
_ndb_struct_na_base_pair_step.rise 
_ndb_struct_na_base_pair_step.tilt 
_ndb_struct_na_base_pair_step.roll 
_ndb_struct_na_base_pair_step.twist 
_ndb_struct_na_base_pair_step.x_displacement 
_ndb_struct_na_base_pair_step.y_displacement 
_ndb_struct_na_base_pair_step.helical_rise 
_ndb_struct_na_base_pair_step.inclination 
_ndb_struct_na_base_pair_step.tip 
_ndb_struct_na_base_pair_step.helical_twist 
_ndb_struct_na_base_pair_step.step_number 
_ndb_struct_na_base_pair_step.step_name 
_ndb_struct_na_base_pair_step.i_auth_asym_id_1 
_ndb_struct_na_base_pair_step.i_auth_seq_id_1 
_ndb_struct_na_base_pair_step.i_PDB_ins_code_1 
_ndb_struct_na_base_pair_step.j_auth_asym_id_1 
_ndb_struct_na_base_pair_step.j_auth_seq_id_1 
_ndb_struct_na_base_pair_step.j_PDB_ins_code_1 
_ndb_struct_na_base_pair_step.i_auth_asym_id_2 
_ndb_struct_na_base_pair_step.i_auth_seq_id_2 
_ndb_struct_na_base_pair_step.i_PDB_ins_code_2 
_ndb_struct_na_base_pair_step.j_auth_asym_id_2 
_ndb_struct_na_base_pair_step.j_auth_seq_id_2 
_ndb_struct_na_base_pair_step.j_PDB_ins_code_2 
1 A DG 2  1_555 B DC 11 1_555 A DC 3  1_555 B DG 10 1_555 0.295  0.246  3.374 -4.091 -4.425 37.685 0.948  -0.980 3.276 -6.797 
6.283  38.147 1 AA_DG2DC3:DG22DC23_BB   A 2  ? B 23 ? A 3  ? B 22 ? 
1 A DC 3  1_555 B DG 10 1_555 A DA 5  1_555 B DT 8  1_555 0.185  1.224  6.361 8.011  13.427 62.628 0.007  0.508  6.458 12.708 
-7.582 64.358 2 AA_DC3DA5:DT20DG22_BB   A 3  ? B 22 ? A 5  ? B 20 ? 
1 A DA 5  1_555 B DT 8  1_555 A DA 6  1_555 B DT 7  1_555 0.059  -0.198 3.198 -2.333 0.358  38.294 -0.345 -0.374 3.188 0.546  
3.552  38.364 3 AA_DA5DA6:DT19DT20_BB   A 5  ? B 20 ? A 6  ? B 19 ? 
1 A DA 6  1_555 B DT 7  1_555 A DT 7  1_555 B DA 6  1_555 0.109  -0.645 3.337 0.323  -1.317 30.971 -0.946 -0.141 3.362 -2.466 
-0.604 30.999 4 AA_DA6DT7:DA18DT19_BB   A 6  ? B 19 ? A 7  ? B 18 ? 
1 A DT 7  1_555 B DA 6  1_555 A DT 8  1_555 B DA 5  1_555 -0.197 -0.217 3.264 3.130  2.643  38.559 -0.648 0.677  3.218 3.989  
-4.724 38.768 5 AA_DT7DT8:DA17DA18_BB   A 7  ? B 18 ? A 8  ? B 17 ? 
1 A DT 8  1_555 B DA 5  1_555 A DG 10 1_555 B DC 3  1_555 -0.112 1.665  6.549 -5.341 14.152 62.768 0.319  -0.364 6.739 13.382 
5.050  64.384 6 AA_DT8DG10:DC15DA17_BB  A 8  ? B 17 ? A 10 ? B 15 ? 
1 A DG 10 1_555 B DC 3  1_555 A DC 11 1_555 B DG 2  1_555 -0.707 0.300  3.255 -2.183 -5.193 39.123 1.051  0.791  3.224 -7.707 
3.239  39.511 7 AA_DG10DC11:DG14DC15_BB A 10 ? B 15 ? A 11 ? B 14 ? 
# 
loop_
_pdbx_audit_support.funding_organization 
_pdbx_audit_support.country 
_pdbx_audit_support.grant_number 
_pdbx_audit_support.ordinal 
'Engineering and Physical Sciences Research Council'     'United Kingdom' EP/M019195/1 1 
'Biotechnology and Biological Sciences Research Council' 'United Kingdom' BB/J001694/1 2 
# 
_pdbx_initial_refinement_model.id               1 
_pdbx_initial_refinement_model.entity_id_list   ? 
_pdbx_initial_refinement_model.type             'experimental model' 
_pdbx_initial_refinement_model.source_name      PDB 
_pdbx_initial_refinement_model.accession_code   1S2R 
_pdbx_initial_refinement_model.details          ? 
# 
loop_
_pdbx_reflns_twin.domain_id 
_pdbx_reflns_twin.crystal_id 
_pdbx_reflns_twin.diffrn_id 
_pdbx_reflns_twin.type 
_pdbx_reflns_twin.operator 
_pdbx_reflns_twin.fraction 
1 1 1 ? 'H, K, L' 0.481 
2 1 1 ? -h,-k,l   0.519 
# 
_atom_sites.entry_id                    6QJS 
_atom_sites.fract_transf_matrix[1][1]   0.01716246 
_atom_sites.fract_transf_matrix[1][2]   0.02059495 
_atom_sites.fract_transf_matrix[1][3]   0.00155685 
_atom_sites.fract_transf_matrix[2][1]   0.01464908 
_atom_sites.fract_transf_matrix[2][2]   0.00691901 
_atom_sites.fract_transf_matrix[2][3]   -0.02141656 
_atom_sites.fract_transf_matrix[3][1]   -0.00742106 
_atom_sites.fract_transf_matrix[3][2]   0.00641135 
_atom_sites.fract_transf_matrix[3][3]   -0.00300475 
_atom_sites.fract_transf_vector[1]      0.264304 
_atom_sites.fract_transf_vector[2]      0.632729 
_atom_sites.fract_transf_vector[3]      1.081703 
# 
loop_
_atom_type.symbol 
C  
CO 
N  
O  
P  
# 
loop_
_atom_site.group_PDB 
_atom_site.id 
_atom_site.type_symbol 
_atom_site.label_atom_id 
_atom_site.label_alt_id 
_atom_site.label_comp_id 
_atom_site.label_asym_id 
_atom_site.label_entity_id 
_atom_site.label_seq_id 
_atom_site.pdbx_PDB_ins_code 
_atom_site.Cartn_x 
_atom_site.Cartn_y 
_atom_site.Cartn_z 
_atom_site.occupancy 
_atom_site.B_iso_or_equiv 
_atom_site.pdbx_formal_charge 
_atom_site.auth_seq_id 
_atom_site.auth_comp_id 
_atom_site.auth_asym_id 
_atom_site.auth_atom_id 
_atom_site.pdbx_PDB_model_num 
ATOM   1   P  P     . DG  A 1 2  ? -14.771 9.551   -0.484  1.00 65.61 ? 2   DG  A P     1 
ATOM   2   O  OP1   . DG  A 1 2  ? -16.068 10.213  -0.217  1.00 60.57 ? 2   DG  A OP1   1 
ATOM   3   O  OP2   . DG  A 1 2  ? -13.731 9.517   0.575   1.00 58.94 ? 2   DG  A OP2   1 
ATOM   4   O  "O5'" . DG  A 1 2  ? -15.028 8.066   -1.018  1.00 60.66 ? 2   DG  A "O5'" 1 
ATOM   5   C  "C5'" . DG  A 1 2  ? -16.229 7.746   -1.756  1.00 55.13 ? 2   DG  A "C5'" 1 
ATOM   6   C  "C4'" . DG  A 1 2  ? -16.038 6.493   -2.586  1.00 55.90 ? 2   DG  A "C4'" 1 
ATOM   7   O  "O4'" . DG  A 1 2  ? -15.092 6.735   -3.652  1.00 46.91 ? 2   DG  A "O4'" 1 
ATOM   8   C  "C3'" . DG  A 1 2  ? -15.510 5.278   -1.839  1.00 49.70 ? 2   DG  A "C3'" 1 
ATOM   9   O  "O3'" . DG  A 1 2  ? -16.074 4.103   -2.437  1.00 48.55 ? 2   DG  A "O3'" 1 
ATOM   10  C  "C2'" . DG  A 1 2  ? -14.002 5.385   -2.031  1.00 46.98 ? 2   DG  A "C2'" 1 
ATOM   11  C  "C1'" . DG  A 1 2  ? -13.876 6.014   -3.421  1.00 43.55 ? 2   DG  A "C1'" 1 
ATOM   12  N  N9    . DG  A 1 2  ? -12.770 6.955   -3.582  1.00 35.49 ? 2   DG  A N9    1 
ATOM   13  C  C8    . DG  A 1 2  ? -12.364 7.907   -2.681  1.00 33.41 ? 2   DG  A C8    1 
ATOM   14  N  N7    . DG  A 1 2  ? -11.424 8.684   -3.148  1.00 31.46 ? 2   DG  A N7    1 
ATOM   15  C  C5    . DG  A 1 2  ? -11.195 8.211   -4.433  1.00 28.41 ? 2   DG  A C5    1 
ATOM   16  C  C6    . DG  A 1 2  ? -10.300 8.667   -5.433  1.00 26.82 ? 2   DG  A C6    1 
ATOM   17  O  O6    . DG  A 1 2  ? -9.496  9.615   -5.382  1.00 29.59 ? 2   DG  A O6    1 
ATOM   18  N  N1    . DG  A 1 2  ? -10.433 7.937   -6.608  1.00 25.54 ? 2   DG  A N1    1 
ATOM   19  C  C2    . DG  A 1 2  ? -11.292 6.894   -6.793  1.00 30.79 ? 2   DG  A C2    1 
ATOM   20  N  N2    . DG  A 1 2  ? -11.240 6.295   -7.991  1.00 24.43 ? 2   DG  A N2    1 
ATOM   21  N  N3    . DG  A 1 2  ? -12.135 6.458   -5.869  1.00 31.90 ? 2   DG  A N3    1 
ATOM   22  C  C4    . DG  A 1 2  ? -12.051 7.177   -4.732  1.00 33.07 ? 2   DG  A C4    1 
ATOM   23  P  P     . DC  A 1 3  ? -15.697 2.657   -1.900  1.00 51.70 ? 3   DC  A P     1 
ATOM   24  O  OP1   . DC  A 1 3  ? -16.882 1.794   -2.030  1.00 53.52 ? 3   DC  A OP1   1 
ATOM   25  O  OP2   . DC  A 1 3  ? -15.029 2.812   -0.567  1.00 55.14 ? 3   DC  A OP2   1 
ATOM   26  O  "O5'" . DC  A 1 3  ? -14.607 2.156   -2.946  1.00 40.85 ? 3   DC  A "O5'" 1 
ATOM   27  C  "C5'" . DC  A 1 3  ? -15.001 1.637   -4.228  1.00 43.39 ? 3   DC  A "C5'" 1 
ATOM   28  C  "C4'" . DC  A 1 3  ? -13.794 1.538   -5.126  1.00 43.64 ? 3   DC  A "C4'" 1 
ATOM   29  O  "O4'" . DC  A 1 3  ? -13.060 2.767   -5.044  1.00 39.17 ? 3   DC  A "O4'" 1 
ATOM   30  C  "C3'" . DC  A 1 3  ? -12.812 0.438   -4.732  1.00 48.25 ? 3   DC  A "C3'" 1 
ATOM   31  O  "O3'" . DC  A 1 3  ? -13.008 -0.725  -5.545  1.00 62.13 ? 3   DC  A "O3'" 1 
ATOM   32  C  "C2'" . DC  A 1 3  ? -11.432 1.067   -4.943  1.00 46.65 ? 3   DC  A "C2'" 1 
ATOM   33  C  "C1'" . DC  A 1 3  ? -11.710 2.519   -5.353  1.00 43.56 ? 3   DC  A "C1'" 1 
ATOM   34  N  N1    . DC  A 1 3  ? -10.895 3.516   -4.645  1.00 38.62 ? 3   DC  A N1    1 
ATOM   35  C  C2    . DC  A 1 3  ? -9.848  4.136   -5.331  1.00 31.74 ? 3   DC  A C2    1 
ATOM   36  O  O2    . DC  A 1 3  ? -9.648  3.835   -6.517  1.00 29.44 ? 3   DC  A O2    1 
ATOM   37  N  N3    . DC  A 1 3  ? -9.103  5.067   -4.696  1.00 31.50 ? 3   DC  A N3    1 
ATOM   38  C  C4    . DC  A 1 3  ? -9.331  5.341   -3.412  1.00 37.28 ? 3   DC  A C4    1 
ATOM   39  N  N4    . DC  A 1 3  ? -8.562  6.258   -2.823  1.00 37.06 ? 3   DC  A N4    1 
ATOM   40  C  C5    . DC  A 1 3  ? -10.392 4.725   -2.688  1.00 32.39 ? 3   DC  A C5    1 
ATOM   41  C  C6    . DC  A 1 3  ? -11.129 3.813   -3.331  1.00 39.23 ? 3   DC  A C6    1 
ATOM   42  P  P     . DA  A 1 4  ? -12.657 -2.183  -4.966  1.00 62.78 ? 4   DA  A P     1 
ATOM   43  O  OP1   . DA  A 1 4  ? -13.921 -2.930  -4.811  1.00 66.03 ? 4   DA  A OP1   1 
ATOM   44  O  OP2   . DA  A 1 4  ? -11.759 -2.012  -3.797  1.00 61.04 ? 4   DA  A OP2   1 
ATOM   45  O  "O5'" . DA  A 1 4  ? -11.826 -2.854  -6.154  1.00 66.25 ? 4   DA  A "O5'" 1 
ATOM   46  C  "C5'" . DA  A 1 4  ? -11.534 -2.129  -7.373  1.00 58.98 ? 4   DA  A "C5'" 1 
ATOM   47  C  "C4'" . DA  A 1 4  ? -10.083 -2.311  -7.756  1.00 59.90 ? 4   DA  A "C4'" 1 
ATOM   48  O  "O4'" . DA  A 1 4  ? -9.310  -1.184  -7.262  1.00 57.43 ? 4   DA  A "O4'" 1 
ATOM   49  C  "C3'" . DA  A 1 4  ? -9.415  -3.565  -7.180  1.00 58.11 ? 4   DA  A "C3'" 1 
ATOM   50  O  "O3'" . DA  A 1 4  ? -8.594  -4.213  -8.179  1.00 60.74 ? 4   DA  A "O3'" 1 
ATOM   51  C  "C2'" . DA  A 1 4  ? -8.649  -3.035  -5.981  1.00 53.64 ? 4   DA  A "C2'" 1 
ATOM   52  C  "C1'" . DA  A 1 4  ? -8.262  -1.639  -6.420  1.00 50.99 ? 4   DA  A "C1'" 1 
ATOM   53  N  N9    . DA  A 1 4  ? -8.114  -0.676  -5.330  1.00 42.76 ? 4   DA  A N9    1 
ATOM   54  C  C8    . DA  A 1 4  ? -8.575  -0.772  -4.041  1.00 46.11 ? 4   DA  A C8    1 
ATOM   55  N  N7    . DA  A 1 4  ? -8.323  0.286   -3.311  1.00 42.86 ? 4   DA  A N7    1 
ATOM   56  C  C5    . DA  A 1 4  ? -7.647  1.133   -4.174  1.00 40.31 ? 4   DA  A C5    1 
ATOM   57  C  C6    . DA  A 1 4  ? -7.072  2.398   -3.995  1.00 39.91 ? 4   DA  A C6    1 
ATOM   58  N  N6    . DA  A 1 4  ? -7.119  3.076   -2.845  1.00 34.21 ? 4   DA  A N6    1 
ATOM   59  N  N1    . DA  A 1 4  ? -6.479  2.974   -5.063  1.00 38.47 ? 4   DA  A N1    1 
ATOM   60  C  C2    . DA  A 1 4  ? -6.444  2.301   -6.219  1.00 44.50 ? 4   DA  A C2    1 
ATOM   61  N  N3    . DA  A 1 4  ? -6.936  1.099   -6.506  1.00 41.53 ? 4   DA  A N3    1 
ATOM   62  C  C4    . DA  A 1 4  ? -7.515  0.555   -5.423  1.00 40.55 ? 4   DA  A C4    1 
ATOM   63  P  P     . DA  A 1 5  ? -7.250  -4.995  -7.753  1.00 67.02 ? 5   DA  A P     1 
ATOM   64  O  OP1   . DA  A 1 5  ? -7.073  -6.142  -8.678  1.00 55.97 ? 5   DA  A OP1   1 
ATOM   65  O  OP2   . DA  A 1 5  ? -7.296  -5.238  -6.290  1.00 57.88 ? 5   DA  A OP2   1 
ATOM   66  O  "O5'" . DA  A 1 5  ? -6.114  -3.929  -8.066  1.00 49.39 ? 5   DA  A "O5'" 1 
ATOM   67  C  "C5'" . DA  A 1 5  ? -6.136  -3.197  -9.307  1.00 47.48 ? 5   DA  A "C5'" 1 
ATOM   68  C  "C4'" . DA  A 1 5  ? -4.821  -2.490  -9.515  1.00 41.31 ? 5   DA  A "C4'" 1 
ATOM   69  O  "O4'" . DA  A 1 5  ? -4.656  -1.497  -8.480  1.00 39.85 ? 5   DA  A "O4'" 1 
ATOM   70  C  "C3'" . DA  A 1 5  ? -3.593  -3.383  -9.408  1.00 40.42 ? 5   DA  A "C3'" 1 
ATOM   71  O  "O3'" . DA  A 1 5  ? -2.540  -2.819  -10.201 1.00 49.42 ? 5   DA  A "O3'" 1 
ATOM   72  C  "C2'" . DA  A 1 5  ? -3.295  -3.353  -7.922  1.00 40.83 ? 5   DA  A "C2'" 1 
ATOM   73  C  "C1'" . DA  A 1 5  ? -3.623  -1.914  -7.568  1.00 35.54 ? 5   DA  A "C1'" 1 
ATOM   74  N  N9    . DA  A 1 5  ? -4.108  -1.682  -6.214  1.00 33.08 ? 5   DA  A N9    1 
ATOM   75  C  C8    . DA  A 1 5  ? -4.993  -2.419  -5.467  1.00 30.45 ? 5   DA  A C8    1 
ATOM   76  N  N7    . DA  A 1 5  ? -5.274  -1.884  -4.307  1.00 29.73 ? 5   DA  A N7    1 
ATOM   77  C  C5    . DA  A 1 5  ? -4.550  -0.698  -4.302  1.00 23.31 ? 5   DA  A C5    1 
ATOM   78  C  C6    . DA  A 1 5  ? -4.452  0.341   -3.375  1.00 21.20 ? 5   DA  A C6    1 
ATOM   79  N  N6    . DA  A 1 5  ? -5.065  0.340   -2.200  1.00 21.39 ? 5   DA  A N6    1 
ATOM   80  N  N1    . DA  A 1 5  ? -3.660  1.387   -3.687  1.00 28.56 ? 5   DA  A N1    1 
ATOM   81  C  C2    . DA  A 1 5  ? -3.037  1.387   -4.866  1.00 25.73 ? 5   DA  A C2    1 
ATOM   82  N  N3    . DA  A 1 5  ? -3.091  0.495   -5.838  1.00 27.02 ? 5   DA  A N3    1 
ATOM   83  C  C4    . DA  A 1 5  ? -3.837  -0.559  -5.473  1.00 24.24 ? 5   DA  A C4    1 
ATOM   84  P  P     . DA  A 1 6  ? -1.081  -3.487  -10.227 1.00 48.75 ? 6   DA  A P     1 
ATOM   85  O  OP1   . DA  A 1 6  ? -0.542  -3.369  -11.602 1.00 50.25 ? 6   DA  A OP1   1 
ATOM   86  O  OP2   . DA  A 1 6  ? -1.163  -4.817  -9.570  1.00 52.29 ? 6   DA  A OP2   1 
ATOM   87  O  "O5'" . DA  A 1 6  ? -0.220  -2.500  -9.330  1.00 46.13 ? 6   DA  A "O5'" 1 
ATOM   88  C  "C5'" . DA  A 1 6  ? -0.221  -1.102  -9.612  1.00 37.89 ? 6   DA  A "C5'" 1 
ATOM   89  C  "C4'" . DA  A 1 6  ? 0.619   -0.361  -8.605  1.00 35.73 ? 6   DA  A "C4'" 1 
ATOM   90  O  "O4'" . DA  A 1 6  ? -0.070  -0.328  -7.336  1.00 32.52 ? 6   DA  A "O4'" 1 
ATOM   91  C  "C3'" . DA  A 1 6  ? 2.002   -0.976  -8.324  1.00 32.77 ? 6   DA  A "C3'" 1 
ATOM   92  O  "O3'" . DA  A 1 6  ? 2.984   0.069   -8.407  1.00 32.80 ? 6   DA  A "O3'" 1 
ATOM   93  C  "C2'" . DA  A 1 6  ? 1.859   -1.563  -6.919  1.00 30.28 ? 6   DA  A "C2'" 1 
ATOM   94  C  "C1'" . DA  A 1 6  ? 0.833   -0.659  -6.291  1.00 30.90 ? 6   DA  A "C1'" 1 
ATOM   95  N  N9    . DA  A 1 6  ? 0.053   -1.253  -5.218  1.00 28.06 ? 6   DA  A N9    1 
ATOM   96  C  C8    . DA  A 1 6  ? -0.692  -2.404  -5.268  1.00 26.71 ? 6   DA  A C8    1 
ATOM   97  N  N7    . DA  A 1 6  ? -1.431  -2.597  -4.208  1.00 28.72 ? 6   DA  A N7    1 
ATOM   98  C  C5    . DA  A 1 6  ? -1.225  -1.455  -3.447  1.00 28.28 ? 6   DA  A C5    1 
ATOM   99  C  C6    . DA  A 1 6  ? -1.695  -1.067  -2.187  1.00 27.54 ? 6   DA  A C6    1 
ATOM   100 N  N6    . DA  A 1 6  ? -2.583  -1.763  -1.488  1.00 27.66 ? 6   DA  A N6    1 
ATOM   101 N  N1    . DA  A 1 6  ? -1.287  0.131   -1.707  1.00 25.79 ? 6   DA  A N1    1 
ATOM   102 C  C2    . DA  A 1 6  ? -0.462  0.867   -2.450  1.00 27.95 ? 6   DA  A C2    1 
ATOM   103 N  N3    . DA  A 1 6  ? 0.121   0.567   -3.603  1.00 28.55 ? 6   DA  A N3    1 
ATOM   104 C  C4    . DA  A 1 6  ? -0.330  -0.611  -4.068  1.00 29.59 ? 6   DA  A C4    1 
ATOM   105 P  P     . DT  A 1 7  ? 4.533   -0.267  -8.262  1.00 38.30 ? 7   DT  A P     1 
ATOM   106 O  OP1   . DT  A 1 7  ? 5.290   0.744   -8.990  1.00 35.57 ? 7   DT  A OP1   1 
ATOM   107 O  OP2   . DT  A 1 7  ? 4.731   -1.707  -8.557  1.00 40.20 ? 7   DT  A OP2   1 
ATOM   108 O  "O5'" . DT  A 1 7  ? 4.815   0.083   -6.731  1.00 36.61 ? 7   DT  A "O5'" 1 
ATOM   109 C  "C5'" . DT  A 1 7  ? 4.503   1.407   -6.245  1.00 33.73 ? 7   DT  A "C5'" 1 
ATOM   110 C  "C4'" . DT  A 1 7  ? 4.576   1.461   -4.740  1.00 31.40 ? 7   DT  A "C4'" 1 
ATOM   111 O  "O4'" . DT  A 1 7  ? 3.546   0.650   -4.161  1.00 32.65 ? 7   DT  A "O4'" 1 
ATOM   112 C  "C3'" . DT  A 1 7  ? 5.896   0.955   -4.134  1.00 33.79 ? 7   DT  A "C3'" 1 
ATOM   113 O  "O3'" . DT  A 1 7  ? 6.663   2.074   -3.669  1.00 37.69 ? 7   DT  A "O3'" 1 
ATOM   114 C  "C2'" . DT  A 1 7  ? 5.446   -0.013  -3.024  1.00 34.94 ? 7   DT  A "C2'" 1 
ATOM   115 C  "C1'" . DT  A 1 7  ? 3.980   0.299   -2.872  1.00 33.92 ? 7   DT  A "C1'" 1 
ATOM   116 N  N1    . DT  A 1 7  ? 3.147   -0.793  -2.405  1.00 26.51 ? 7   DT  A N1    1 
ATOM   117 C  C2    . DT  A 1 7  ? 2.446   -0.620  -1.231  1.00 29.53 ? 7   DT  A C2    1 
ATOM   118 O  O2    . DT  A 1 7  ? 2.589   0.345   -0.511  1.00 26.11 ? 7   DT  A O2    1 
ATOM   119 N  N3    . DT  A 1 7  ? 1.609   -1.658  -0.906  1.00 27.15 ? 7   DT  A N3    1 
ATOM   120 C  C4    . DT  A 1 7  ? 1.404   -2.818  -1.626  1.00 28.44 ? 7   DT  A C4    1 
ATOM   121 O  O4    . DT  A 1 7  ? 0.630   -3.669  -1.203  1.00 26.48 ? 7   DT  A O4    1 
ATOM   122 C  C5    . DT  A 1 7  ? 2.163   -2.925  -2.855  1.00 33.28 ? 7   DT  A C5    1 
ATOM   123 C  C7    . DT  A 1 7  ? 2.019   -4.158  -3.694  1.00 34.23 ? 7   DT  A C7    1 
ATOM   124 C  C6    . DT  A 1 7  ? 2.971   -1.914  -3.185  1.00 31.46 ? 7   DT  A C6    1 
ATOM   125 P  P     . DT  A 1 8  ? 7.971   1.846   -2.745  1.00 37.92 ? 8   DT  A P     1 
ATOM   126 O  OP1   . DT  A 1 8  ? 8.763   3.050   -2.795  1.00 33.44 ? 8   DT  A OP1   1 
ATOM   127 O  OP2   . DT  A 1 8  ? 8.587   0.531   -3.120  1.00 45.84 ? 8   DT  A OP2   1 
ATOM   128 O  "O5'" . DT  A 1 8  ? 7.341   1.787   -1.278  1.00 34.51 ? 8   DT  A "O5'" 1 
ATOM   129 C  "C5'" . DT  A 1 8  ? 6.743   2.957   -0.702  1.00 34.54 ? 8   DT  A "C5'" 1 
ATOM   130 C  "C4'" . DT  A 1 8  ? 6.411   2.703   0.744   1.00 34.03 ? 8   DT  A "C4'" 1 
ATOM   131 O  "O4'" . DT  A 1 8  ? 5.479   1.594   0.844   1.00 28.68 ? 8   DT  A "O4'" 1 
ATOM   132 C  "C3'" . DT  A 1 8  ? 7.608   2.323   1.612   1.00 34.34 ? 8   DT  A "C3'" 1 
ATOM   133 O  "O3'" . DT  A 1 8  ? 7.551   3.054   2.843   1.00 39.77 ? 8   DT  A "O3'" 1 
ATOM   134 C  "C2'" . DT  A 1 8  ? 7.443   0.817   1.807   1.00 34.61 ? 8   DT  A "C2'" 1 
ATOM   135 C  "C1'" . DT  A 1 8  ? 5.947   0.679   1.828   1.00 29.52 ? 8   DT  A "C1'" 1 
ATOM   136 N  N1    . DT  A 1 8  ? 5.415   -0.646  1.496   1.00 29.77 ? 8   DT  A N1    1 
ATOM   137 C  C2    . DT  A 1 8  ? 4.385   -1.148  2.266   1.00 31.74 ? 8   DT  A C2    1 
ATOM   138 O  O2    . DT  A 1 8  ? 3.993   -0.608  3.289   1.00 29.17 ? 8   DT  A O2    1 
ATOM   139 N  N3    . DT  A 1 8  ? 3.874   -2.338  1.825   1.00 28.82 ? 8   DT  A N3    1 
ATOM   140 C  C4    . DT  A 1 8  ? 4.276   -3.058  0.712   1.00 27.96 ? 8   DT  A C4    1 
ATOM   141 O  O4    . DT  A 1 8  ? 3.691   -4.094  0.411   1.00 26.21 ? 8   DT  A O4    1 
ATOM   142 C  C5    . DT  A 1 8  ? 5.334   -2.454  -0.062  1.00 30.16 ? 8   DT  A C5    1 
ATOM   143 C  C7    . DT  A 1 8  ? 5.816   -3.146  -1.298  1.00 34.92 ? 8   DT  A C7    1 
ATOM   144 C  C6    . DT  A 1 8  ? 5.815   -1.278  0.342   1.00 29.25 ? 8   DT  A C6    1 
HETATM 145 P  P     . S6M A 1 9  ? 8.736   2.971   3.860   1.00 41.56 ? 9   S6M A P     1 
HETATM 146 O  OP1   . S6M A 1 9  ? 9.211   4.264   4.364   1.00 37.50 ? 9   S6M A OP1   1 
HETATM 147 O  "O5'" . S6M A 1 9  ? 8.052   2.143   5.020   1.00 32.35 ? 9   S6M A "O5'" 1 
HETATM 148 C  "C5'" . S6M A 1 9  ? 7.082   2.761   5.851   1.00 28.89 ? 9   S6M A "C5'" 1 
HETATM 149 C  "C4'" . S6M A 1 9  ? 6.303   1.685   6.562   1.00 27.23 ? 9   S6M A "C4'" 1 
HETATM 150 C  "C3'" . S6M A 1 9  ? 7.121   0.886   7.519   1.00 25.69 ? 9   S6M A "C3'" 1 
HETATM 151 O  "O3'" . S6M A 1 9  ? 7.272   1.622   8.745   1.00 29.77 ? 9   S6M A "O3'" 1 
HETATM 152 C  "C2'" . S6M A 1 9  ? 6.356   -0.424  7.705   1.00 23.28 ? 9   S6M A "C2'" 1 
HETATM 153 C  "C1'" . S6M A 1 9  ? 5.588   -0.547  6.406   1.00 28.94 ? 9   S6M A "C1'" 1 
HETATM 154 O  "O4'" . S6M A 1 9  ? 5.700   0.743   5.675   1.00 26.72 ? 9   S6M A "O4'" 1 
HETATM 155 N  N1    . S6M A 1 9  ? 6.029   -1.582  5.476   1.00 25.79 ? 9   S6M A N1    1 
HETATM 156 C  C6    . S6M A 1 9  ? 6.928   -1.320  4.574   1.00 30.05 ? 9   S6M A C6    1 
HETATM 157 C  C5    . S6M A 1 9  ? 7.209   -2.248  3.604   1.00 33.09 ? 9   S6M A C5    1 
HETATM 158 C  C4    . S6M A 1 9  ? 6.499   -3.408  3.573   1.00 29.22 ? 9   S6M A C4    1 
HETATM 159 N  N3    . S6M A 1 9  ? 5.518   -3.630  4.486   1.00 26.80 ? 9   S6M A N3    1 
HETATM 160 C  C2    . S6M A 1 9  ? 5.347   -2.767  5.477   1.00 28.88 ? 9   S6M A C2    1 
HETATM 161 O  O2    . S6M A 1 9  ? 4.475   -2.947  6.343   1.00 34.09 ? 9   S6M A O2    1 
HETATM 162 O  O4    . S6M A 1 9  ? 6.690   -4.220  2.636   1.00 27.21 ? 9   S6M A O4    1 
HETATM 163 O  OP2   . S6M A 1 9  ? 9.880   2.145   3.356   1.00 38.81 ? 9   S6M A OP2   1 
HETATM 164 C  C11   . S6M A 1 9  ? 5.392   -0.249  8.877   1.00 23.91 ? 9   S6M A C11   1 
HETATM 165 C  C12   . S6M A 1 9  ? 4.926   -1.374  9.549   1.00 26.65 ? 9   S6M A C12   1 
HETATM 166 N  N13   . S6M A 1 9  ? 4.044   -0.912  10.495  1.00 26.63 ? 9   S6M A N13   1 
HETATM 167 N  N14   . S6M A 1 9  ? 3.919   0.463   10.395  1.00 29.17 ? 9   S6M A N14   1 
HETATM 168 N  N15   . S6M A 1 9  ? 4.784   0.844   9.320   1.00 27.83 ? 9   S6M A N15   1 
HETATM 169 C  C17   . S6M A 1 9  ? 3.218   -1.524  11.608  1.00 27.25 ? 9   S6M A C17   1 
HETATM 170 C  C18   . S6M A 1 9  ? 2.126   -2.404  11.038  1.00 28.48 ? 9   S6M A C18   1 
HETATM 171 C  C19   . S6M A 1 9  ? 1.238   -3.024  12.128  1.00 33.97 ? 9   S6M A C19   1 
HETATM 172 N  N20   . S6M A 1 9  ? 1.982   -3.457  13.388  1.00 36.87 ? 9   S6M A N20   1 
HETATM 173 C  C21   . S6M A 1 9  ? 3.431   -3.039  13.639  1.00 29.87 ? 9   S6M A C21   1 
HETATM 174 C  C22   . S6M A 1 9  ? 4.123   -2.340  12.496  1.00 30.75 ? 9   S6M A C22   1 
HETATM 175 C  C23   . S6M A 1 9  ? 0.173   -2.035  12.561  1.00 37.66 ? 9   S6M A C23   1 
HETATM 176 C  C24   . S6M A 1 9  ? 0.523   -4.246  11.562  1.00 38.52 ? 9   S6M A C24   1 
HETATM 177 C  C25   . S6M A 1 9  ? 3.381   -2.104  14.825  1.00 32.25 ? 9   S6M A C25   1 
HETATM 178 C  C26   . S6M A 1 9  ? 4.313   -4.270  14.016  1.00 30.47 ? 9   S6M A C26   1 
HETATM 179 O  O27   . S6M A 1 9  ? 1.729   -4.847  13.717  1.00 37.46 ? 9   S6M A O27   1 
ATOM   180 P  P     . DG  A 1 10 ? 8.754   1.845   9.318   1.00 30.59 ? 10  DG  A P     1 
ATOM   181 O  OP1   . DG  A 1 10 ? 8.496   2.824   10.442  1.00 31.85 ? 10  DG  A OP1   1 
ATOM   182 O  OP2   . DG  A 1 10 ? 9.936   2.040   8.397   1.00 24.55 ? 10  DG  A OP2   1 
ATOM   183 O  "O5'" . DG  A 1 10 ? 8.998   0.414   9.980   1.00 25.26 ? 10  DG  A "O5'" 1 
ATOM   184 C  "C5'" . DG  A 1 10 ? 8.303   0.025   11.169  1.00 27.49 ? 10  DG  A "C5'" 1 
ATOM   185 C  "C4'" . DG  A 1 10 ? 8.394   -1.465  11.328  1.00 26.29 ? 10  DG  A "C4'" 1 
ATOM   186 O  "O4'" . DG  A 1 10 ? 8.076   -2.091  10.036  1.00 27.96 ? 10  DG  A "O4'" 1 
ATOM   187 C  "C3'" . DG  A 1 10 ? 9.808   -1.979  11.691  1.00 22.59 ? 10  DG  A "C3'" 1 
ATOM   188 O  "O3'" . DG  A 1 10 ? 9.748   -3.152  12.497  1.00 30.05 ? 10  DG  A "O3'" 1 
ATOM   189 C  "C2'" . DG  A 1 10 ? 10.352  -2.400  10.360  1.00 24.84 ? 10  DG  A "C2'" 1 
ATOM   190 C  "C1'" . DG  A 1 10 ? 9.114   -3.003  9.753   1.00 24.89 ? 10  DG  A "C1'" 1 
ATOM   191 N  N9    . DG  A 1 10 ? 9.145   -3.250  8.311   1.00 25.39 ? 10  DG  A N9    1 
ATOM   192 C  C8    . DG  A 1 10 ? 9.956   -2.663  7.371   1.00 25.77 ? 10  DG  A C8    1 
ATOM   193 N  N7    . DG  A 1 10 ? 9.858   -3.222  6.199   1.00 27.62 ? 10  DG  A N7    1 
ATOM   194 C  C5    . DG  A 1 10 ? 8.979   -4.277  6.398   1.00 24.25 ? 10  DG  A C5    1 
ATOM   195 C  C6    . DG  A 1 10 ? 8.516   -5.270  5.501   1.00 28.26 ? 10  DG  A C6    1 
ATOM   196 O  O6    . DG  A 1 10 ? 8.744   -5.384  4.289   1.00 28.49 ? 10  DG  A O6    1 
ATOM   197 N  N1    . DG  A 1 10 ? 7.623   -6.130  6.117   1.00 24.64 ? 10  DG  A N1    1 
ATOM   198 C  C2    . DG  A 1 10 ? 7.240   -6.061  7.426   1.00 25.53 ? 10  DG  A C2    1 
ATOM   199 N  N2    . DG  A 1 10 ? 6.392   -7.002  7.844   1.00 26.49 ? 10  DG  A N2    1 
ATOM   200 N  N3    . DG  A 1 10 ? 7.697   -5.169  8.279   1.00 21.69 ? 10  DG  A N3    1 
ATOM   201 C  C4    . DG  A 1 10 ? 8.575   -4.332  7.709   1.00 23.15 ? 10  DG  A C4    1 
ATOM   202 P  P     . DC  A 1 11 ? 9.938   -3.052  14.054  1.00 28.53 ? 11  DC  A P     1 
ATOM   203 O  OP1   . DC  A 1 11 ? 9.147   -1.896  14.513  1.00 28.44 ? 11  DC  A OP1   1 
ATOM   204 O  OP2   . DC  A 1 11 ? 11.372  -3.111  14.313  1.00 27.85 ? 11  DC  A OP2   1 
ATOM   205 O  "O5'" . DC  A 1 11 ? 9.322   -4.430  14.561  1.00 26.68 ? 11  DC  A "O5'" 1 
ATOM   206 C  "C5'" . DC  A 1 11 ? 7.898   -4.657  14.508  1.00 29.68 ? 11  DC  A "C5'" 1 
ATOM   207 C  "C4'" . DC  A 1 11 ? 7.593   -6.064  14.057  1.00 30.38 ? 11  DC  A "C4'" 1 
ATOM   208 O  "O4'" . DC  A 1 11 ? 7.878   -6.201  12.635  1.00 34.05 ? 11  DC  A "O4'" 1 
ATOM   209 C  "C3'" . DC  A 1 11 ? 8.418   -7.158  14.743  1.00 31.97 ? 11  DC  A "C3'" 1 
ATOM   210 O  "O3'" . DC  A 1 11 ? 7.612   -8.330  14.975  1.00 38.66 ? 11  DC  A "O3'" 1 
ATOM   211 C  "C2'" . DC  A 1 11 ? 9.489   -7.454  13.727  1.00 31.13 ? 11  DC  A "C2'" 1 
ATOM   212 C  "C1'" . DC  A 1 11 ? 8.721   -7.315  12.454  1.00 25.29 ? 11  DC  A "C1'" 1 
ATOM   213 N  N1    . DC  A 1 11 ? 9.521   -7.090  11.247  1.00 26.69 ? 11  DC  A N1    1 
ATOM   214 C  C2    . DC  A 1 11 ? 9.232   -7.856  10.129  1.00 24.77 ? 11  DC  A C2    1 
ATOM   215 O  O2    . DC  A 1 11 ? 8.378   -8.752  10.224  1.00 25.71 ? 11  DC  A O2    1 
ATOM   216 N  N3    . DC  A 1 11 ? 9.899   -7.617  8.969   1.00 24.04 ? 11  DC  A N3    1 
ATOM   217 C  C4    . DC  A 1 11 ? 10.815  -6.641  8.916   1.00 21.42 ? 11  DC  A C4    1 
ATOM   218 N  N4    . DC  A 1 11 ? 11.469  -6.455  7.763   1.00 24.24 ? 11  DC  A N4    1 
ATOM   219 C  C5    . DC  A 1 11 ? 11.128  -5.846  10.049  1.00 22.04 ? 11  DC  A C5    1 
ATOM   220 C  C6    . DC  A 1 11 ? 10.414  -6.055  11.165  1.00 25.19 ? 11  DC  A C6    1 
ATOM   221 P  P     . DG  A 1 12 ? 7.888   -9.260  16.270  1.00 41.77 ? 12  DG  A P     1 
ATOM   222 O  OP1   . DG  A 1 12 ? 6.771   -10.228 16.370  1.00 35.14 ? 12  DG  A OP1   1 
ATOM   223 O  OP2   . DG  A 1 12 ? 8.189   -8.359  17.442  1.00 46.88 ? 12  DG  A OP2   1 
ATOM   224 O  "O5'" . DG  A 1 12 ? 9.217   -10.023 15.877  1.00 43.14 ? 12  DG  A "O5'" 1 
ATOM   225 C  "C5'" . DG  A 1 12 ? 9.265   -10.827 14.692  1.00 44.08 ? 12  DG  A "C5'" 1 
ATOM   226 C  "C4'" . DG  A 1 12 ? 10.625  -11.452 14.547  1.00 42.05 ? 12  DG  A "C4'" 1 
ATOM   227 O  "O4'" . DG  A 1 12 ? 11.599  -10.439 14.210  1.00 39.56 ? 12  DG  A "O4'" 1 
ATOM   228 C  "C3'" . DG  A 1 12 ? 11.142  -12.140 15.812  1.00 46.42 ? 12  DG  A "C3'" 1 
ATOM   229 O  "O3'" . DG  A 1 12 ? 10.844  -13.540 15.754  1.00 47.59 ? 12  DG  A "O3'" 1 
ATOM   230 C  "C2'" . DG  A 1 12 ? 12.630  -11.817 15.810  1.00 41.54 ? 12  DG  A "C2'" 1 
ATOM   231 C  "C1'" . DG  A 1 12 ? 12.665  -10.438 15.160  1.00 38.76 ? 12  DG  A "C1'" 1 
ATOM   232 N  N9    . DG  A 1 12 ? 12.446  -9.314  16.069  1.00 38.29 ? 12  DG  A N9    1 
ATOM   233 C  C8    . DG  A 1 12 ? 11.963  -9.379  17.356  1.00 39.23 ? 12  DG  A C8    1 
ATOM   234 N  N7    . DG  A 1 12 ? 11.768  -8.200  17.889  1.00 41.41 ? 12  DG  A N7    1 
ATOM   235 C  C5    . DG  A 1 12 ? 12.080  -7.305  16.872  1.00 36.74 ? 12  DG  A C5    1 
ATOM   236 C  C6    . DG  A 1 12 ? 12.056  -5.883  16.857  1.00 33.60 ? 12  DG  A C6    1 
ATOM   237 O  O6    . DG  A 1 12 ? 11.732  -5.110  17.763  1.00 40.54 ? 12  DG  A O6    1 
ATOM   238 N  N1    . DG  A 1 12 ? 12.501  -5.376  15.640  1.00 28.95 ? 12  DG  A N1    1 
ATOM   239 C  C2    . DG  A 1 12 ? 12.857  -6.135  14.552  1.00 31.70 ? 12  DG  A C2    1 
ATOM   240 N  N2    . DG  A 1 12 ? 13.210  -5.459  13.453  1.00 29.01 ? 12  DG  A N2    1 
ATOM   241 N  N3    . DG  A 1 12 ? 12.952  -7.459  14.575  1.00 27.35 ? 12  DG  A N3    1 
ATOM   242 C  C4    . DG  A 1 12 ? 12.506  -7.975  15.743  1.00 33.32 ? 12  DG  A C4    1 
ATOM   243 P  P     . DG  B 1 2  ? 11.206  -13.354 -0.820  1.00 73.55 ? 14  DG  B P     1 
ATOM   244 O  OP1   . DG  B 1 2  ? 12.493  -13.052 -0.158  1.00 69.24 ? 14  DG  B OP1   1 
ATOM   245 O  OP2   . DG  B 1 2  ? 11.191  -13.776 -2.253  1.00 66.65 ? 14  DG  B OP2   1 
ATOM   246 O  "O5'" . DG  B 1 2  ? 10.429  -14.446 0.047   1.00 67.20 ? 14  DG  B "O5'" 1 
ATOM   247 C  "C5'" . DG  B 1 2  ? 10.662  -14.565 1.461   1.00 54.06 ? 14  DG  B "C5'" 1 
ATOM   248 C  "C4'" . DG  B 1 2  ? 9.362   -14.806 2.198   1.00 52.42 ? 14  DG  B "C4'" 1 
ATOM   249 O  "O4'" . DG  B 1 2  ? 9.302   -13.948 3.354   1.00 46.49 ? 14  DG  B "O4'" 1 
ATOM   250 C  "C3'" . DG  B 1 2  ? 8.095   -14.500 1.422   1.00 45.08 ? 14  DG  B "C3'" 1 
ATOM   251 O  "O3'" . DG  B 1 2  ? 7.042   -15.284 1.993   1.00 45.01 ? 14  DG  B "O3'" 1 
ATOM   252 C  "C2'" . DG  B 1 2  ? 7.915   -13.014 1.666   1.00 51.95 ? 14  DG  B "C2'" 1 
ATOM   253 C  "C1'" . DG  B 1 2  ? 8.400   -12.861 3.114   1.00 43.75 ? 14  DG  B "C1'" 1 
ATOM   254 N  N9    . DG  B 1 2  ? 9.114   -11.625 3.412   1.00 37.43 ? 14  DG  B N9    1 
ATOM   255 C  C8    . DG  B 1 2  ? 10.097  -11.031 2.657   1.00 36.68 ? 14  DG  B C8    1 
ATOM   256 N  N7    . DG  B 1 2  ? 10.635  -9.996  3.242   1.00 34.02 ? 14  DG  B N7    1 
ATOM   257 C  C5    . DG  B 1 2  ? 9.972   -9.905  4.461   1.00 31.56 ? 14  DG  B C5    1 
ATOM   258 C  C6    . DG  B 1 2  ? 10.158  -9.007  5.544   1.00 23.14 ? 14  DG  B C6    1 
ATOM   259 O  O6    . DG  B 1 2  ? 10.931  -8.047  5.625   1.00 30.28 ? 14  DG  B O6    1 
ATOM   260 N  N1    . DG  B 1 2  ? 9.299   -9.296  6.600   1.00 27.52 ? 14  DG  B N1    1 
ATOM   261 C  C2    . DG  B 1 2  ? 8.403   -10.335 6.627   1.00 28.80 ? 14  DG  B C2    1 
ATOM   262 N  N2    . DG  B 1 2  ? 7.675   -10.470 7.761   1.00 30.84 ? 14  DG  B N2    1 
ATOM   263 N  N3    . DG  B 1 2  ? 8.240   -11.193 5.636   1.00 30.32 ? 14  DG  B N3    1 
ATOM   264 C  C4    . DG  B 1 2  ? 9.053   -10.922 4.593   1.00 31.95 ? 14  DG  B C4    1 
ATOM   265 P  P     . DC  B 1 3  ? 5.529   -15.206 1.410   1.00 49.99 ? 15  DC  B P     1 
ATOM   266 O  OP1   . DC  B 1 3  ? 4.882   -16.498 1.675   1.00 47.14 ? 15  DC  B OP1   1 
ATOM   267 O  OP2   . DC  B 1 3  ? 5.600   -14.696 0.026   1.00 43.32 ? 15  DC  B OP2   1 
ATOM   268 O  "O5'" . DC  B 1 3  ? 4.822   -14.153 2.391   1.00 47.57 ? 15  DC  B "O5'" 1 
ATOM   269 C  "C5'" . DC  B 1 3  ? 4.423   -14.556 3.718   1.00 44.26 ? 15  DC  B "C5'" 1 
ATOM   270 C  "C4'" . DC  B 1 3  ? 4.027   -13.359 4.561   1.00 43.72 ? 15  DC  B "C4'" 1 
ATOM   271 O  "O4'" . DC  B 1 3  ? 5.039   -12.358 4.511   1.00 39.43 ? 15  DC  B "O4'" 1 
ATOM   272 C  "C3'" . DC  B 1 3  ? 2.740   -12.668 4.140   1.00 43.52 ? 15  DC  B "C3'" 1 
ATOM   273 O  "O3'" . DC  B 1 3  ? 1.670   -13.176 4.928   1.00 47.28 ? 15  DC  B "O3'" 1 
ATOM   274 C  "C2'" . DC  B 1 3  ? 3.007   -11.172 4.397   1.00 42.85 ? 15  DC  B "C2'" 1 
ATOM   275 C  "C1'" . DC  B 1 3  ? 4.467   -11.107 4.860   1.00 34.25 ? 15  DC  B "C1'" 1 
ATOM   276 N  N1    . DC  B 1 3  ? 5.281   -10.072 4.228   1.00 30.46 ? 15  DC  B N1    1 
ATOM   277 C  C2    . DC  B 1 3  ? 5.854   -9.070  5.025   1.00 26.65 ? 15  DC  B C2    1 
ATOM   278 O  O2    . DC  B 1 3  ? 5.480   -8.948  6.197   1.00 26.43 ? 15  DC  B O2    1 
ATOM   279 N  N3    . DC  B 1 3  ? 6.741   -8.220  4.471   1.00 26.35 ? 15  DC  B N3    1 
ATOM   280 C  C4    . DC  B 1 3  ? 7.099   -8.370  3.195   1.00 29.08 ? 15  DC  B C4    1 
ATOM   281 N  N4    . DC  B 1 3  ? 7.949   -7.495  2.682   1.00 27.30 ? 15  DC  B N4    1 
ATOM   282 C  C5    . DC  B 1 3  ? 6.531   -9.377  2.367   1.00 34.00 ? 15  DC  B C5    1 
ATOM   283 C  C6    . DC  B 1 3  ? 5.653   -10.210 2.924   1.00 32.14 ? 15  DC  B C6    1 
ATOM   284 P  P     . DA  B 1 4  ? 0.215   -13.234 4.339   1.00 56.29 ? 16  DA  B P     1 
ATOM   285 O  OP1   . DA  B 1 4  ? -0.386  -14.525 4.733   1.00 63.97 ? 16  DA  B OP1   1 
ATOM   286 O  OP2   . DA  B 1 4  ? 0.285   -12.858 2.897   1.00 52.28 ? 16  DA  B OP2   1 
ATOM   287 O  "O5'" . DA  B 1 4  ? -0.538  -12.082 5.149   1.00 55.50 ? 16  DA  B "O5'" 1 
ATOM   288 C  "C5'" . DA  B 1 4  ? -0.311  -11.891 6.551   1.00 51.15 ? 16  DA  B "C5'" 1 
ATOM   289 C  "C4'" . DA  B 1 4  ? -0.509  -10.438 6.922   1.00 49.02 ? 16  DA  B "C4'" 1 
ATOM   290 O  "O4'" . DA  B 1 4  ? 0.573   -9.638  6.385   1.00 42.30 ? 16  DA  B "O4'" 1 
ATOM   291 C  "C3'" . DA  B 1 4  ? -1.794  -9.794  6.386   1.00 47.32 ? 16  DA  B "C3'" 1 
ATOM   292 O  "O3'" . DA  B 1 4  ? -2.262  -8.862  7.350   1.00 55.13 ? 16  DA  B "O3'" 1 
ATOM   293 C  "C2'" . DA  B 1 4  ? -1.318  -9.059  5.151   1.00 45.89 ? 16  DA  B "C2'" 1 
ATOM   294 C  "C1'" . DA  B 1 4  ? 0.030   -8.572  5.610   1.00 41.48 ? 16  DA  B "C1'" 1 
ATOM   295 N  N9    . DA  B 1 4  ? 0.991   -8.246  4.556   1.00 35.67 ? 16  DA  B N9    1 
ATOM   296 C  C8    . DA  B 1 4  ? 1.060   -8.733  3.275   1.00 34.66 ? 16  DA  B C8    1 
ATOM   297 N  N7    . DA  B 1 4  ? 2.078   -8.273  2.592   1.00 36.49 ? 16  DA  B N7    1 
ATOM   298 C  C5    . DA  B 1 4  ? 2.757   -7.472  3.502   1.00 32.74 ? 16  DA  B C5    1 
ATOM   299 C  C6    . DA  B 1 4  ? 3.915   -6.698  3.392   1.00 29.23 ? 16  DA  B C6    1 
ATOM   300 N  N6    . DA  B 1 4  ? 4.657   -6.635  2.289   1.00 33.23 ? 16  DA  B N6    1 
ATOM   301 N  N1    . DA  B 1 4  ? 4.313   -6.001  4.482   1.00 32.57 ? 16  DA  B N1    1 
ATOM   302 C  C2    . DA  B 1 4  ? 3.579   -6.081  5.593   1.00 36.89 ? 16  DA  B C2    1 
ATOM   303 N  N3    . DA  B 1 4  ? 2.458   -6.755  5.810   1.00 34.64 ? 16  DA  B N3    1 
ATOM   304 C  C4    . DA  B 1 4  ? 2.095   -7.439  4.711   1.00 32.85 ? 16  DA  B C4    1 
ATOM   305 P  P     . DA  B 1 5  ? -3.749  -8.311  7.286   1.00 57.69 ? 17  DA  B P     1 
ATOM   306 O  OP1   . DA  B 1 5  ? -4.589  -9.169  8.149   1.00 48.71 ? 17  DA  B OP1   1 
ATOM   307 O  OP2   . DA  B 1 5  ? -4.113  -8.101  5.854   1.00 56.10 ? 17  DA  B OP2   1 
ATOM   308 O  "O5'" . DA  B 1 5  ? -3.626  -6.870  7.957   1.00 46.35 ? 17  DA  B "O5'" 1 
ATOM   309 C  "C5'" . DA  B 1 5  ? -2.829  -6.680  9.135   1.00 40.57 ? 17  DA  B "C5'" 1 
ATOM   310 C  "C4'" . DA  B 1 5  ? -2.182  -5.317  9.122   1.00 37.56 ? 17  DA  B "C4'" 1 
ATOM   311 O  "O4'" . DA  B 1 5  ? -1.234  -5.236  8.022   1.00 34.90 ? 17  DA  B "O4'" 1 
ATOM   312 C  "C3'" . DA  B 1 5  ? -3.138  -4.132  8.946   1.00 36.25 ? 17  DA  B "C3'" 1 
ATOM   313 O  "O3'" . DA  B 1 5  ? -2.767  -3.119  9.904   1.00 32.31 ? 17  DA  B "O3'" 1 
ATOM   314 C  "C2'" . DA  B 1 5  ? -2.927  -3.724  7.493   1.00 35.86 ? 17  DA  B "C2'" 1 
ATOM   315 C  "C1'" . DA  B 1 5  ? -1.481  -4.088  7.245   1.00 32.13 ? 17  DA  B "C1'" 1 
ATOM   316 N  N9    . DA  B 1 5  ? -1.123  -4.410  5.851   1.00 31.44 ? 17  DA  B N9    1 
ATOM   317 C  C8    . DA  B 1 5  ? -1.664  -5.396  5.062   1.00 33.65 ? 17  DA  B C8    1 
ATOM   318 N  N7    . DA  B 1 5  ? -1.048  -5.555  3.919   1.00 28.58 ? 17  DA  B N7    1 
ATOM   319 C  C5    . DA  B 1 5  ? 0.026   -4.677  3.995   1.00 29.11 ? 17  DA  B C5    1 
ATOM   320 C  C6    . DA  B 1 5  ? 1.049   -4.352  3.085   1.00 24.76 ? 17  DA  B C6    1 
ATOM   321 N  N6    . DA  B 1 5  ? 1.170   -4.913  1.879   1.00 28.75 ? 17  DA  B N6    1 
ATOM   322 N  N1    . DA  B 1 5  ? 1.943   -3.414  3.452   1.00 26.41 ? 17  DA  B N1    1 
ATOM   323 C  C2    . DA  B 1 5  ? 1.813   -2.839  4.664   1.00 25.95 ? 17  DA  B C2    1 
ATOM   324 N  N3    . DA  B 1 5  ? 0.873   -3.031  5.589   1.00 25.53 ? 17  DA  B N3    1 
ATOM   325 C  C4    . DA  B 1 5  ? 0.002   -3.979  5.189   1.00 26.67 ? 17  DA  B C4    1 
ATOM   326 P  P     . DA  B 1 6  ? -3.501  -1.766  9.957   1.00 37.94 ? 18  DA  B P     1 
ATOM   327 O  OP1   . DA  B 1 6  ? -3.445  -1.262  11.372  1.00 37.82 ? 18  DA  B OP1   1 
ATOM   328 O  OP2   . DA  B 1 6  ? -4.848  -1.918  9.275   1.00 33.79 ? 18  DA  B OP2   1 
ATOM   329 O  "O5'" . DA  B 1 6  ? -2.583  -0.829  9.035   1.00 30.72 ? 18  DA  B "O5'" 1 
ATOM   330 C  "C5'" . DA  B 1 6  ? -1.208  -0.561  9.391   1.00 30.31 ? 18  DA  B "C5'" 1 
ATOM   331 C  "C4'" . DA  B 1 6  ? -0.598  0.422   8.423   1.00 30.10 ? 18  DA  B "C4'" 1 
ATOM   332 O  "O4'" . DA  B 1 6  ? -0.394  -0.223  7.148   1.00 27.86 ? 18  DA  B "O4'" 1 
ATOM   333 C  "C3'" . DA  B 1 6  ? -1.433  1.682   8.143   1.00 28.37 ? 18  DA  B "C3'" 1 
ATOM   334 O  "O3'" . DA  B 1 6  ? -0.582  2.822   8.354   1.00 26.98 ? 18  DA  B "O3'" 1 
ATOM   335 C  "C2'" . DA  B 1 6  ? -1.906  1.500   6.694   1.00 30.16 ? 18  DA  B "C2'" 1 
ATOM   336 C  "C1'" . DA  B 1 6  ? -0.826  0.618   6.092   1.00 26.94 ? 18  DA  B "C1'" 1 
ATOM   337 N  N9    . DA  B 1 6  ? -1.258  -0.253  4.993   1.00 27.70 ? 18  DA  B N9    1 
ATOM   338 C  C8    . DA  B 1 6  ? -2.246  -1.204  5.062   1.00 25.43 ? 18  DA  B C8    1 
ATOM   339 N  N7    . DA  B 1 6  ? -2.342  -1.939  3.984   1.00 25.93 ? 18  DA  B N7    1 
ATOM   340 C  C5    . DA  B 1 6  ? -1.271  -1.527  3.203   1.00 26.06 ? 18  DA  B C5    1 
ATOM   341 C  C6    . DA  B 1 6  ? -0.791  -1.957  1.951   1.00 20.93 ? 18  DA  B C6    1 
ATOM   342 N  N6    . DA  B 1 6  ? -1.363  -2.923  1.239   1.00 21.72 ? 18  DA  B N6    1 
ATOM   343 N  N1    . DA  B 1 6  ? 0.240   -1.278  1.409   1.00 24.48 ? 18  DA  B N1    1 
ATOM   344 C  C2    . DA  B 1 6  ? 0.817   -0.307  2.130   1.00 24.98 ? 18  DA  B C2    1 
ATOM   345 N  N3    . DA  B 1 6  ? 0.486   0.156   3.339   1.00 25.62 ? 18  DA  B N3    1 
ATOM   346 C  C4    . DA  B 1 6  ? -0.571  -0.515  3.831   1.00 21.81 ? 18  DA  B C4    1 
ATOM   347 P  P     . DT  B 1 7  ? -1.121  4.323   8.146   1.00 30.15 ? 19  DT  B P     1 
ATOM   348 O  OP1   . DT  B 1 7  ? -0.268  5.234   8.943   1.00 31.66 ? 19  DT  B OP1   1 
ATOM   349 O  OP2   . DT  B 1 7  ? -2.586  4.339   8.316   1.00 26.56 ? 19  DT  B OP2   1 
ATOM   350 O  "O5'" . DT  B 1 7  ? -0.776  4.619   6.611   1.00 31.26 ? 19  DT  B "O5'" 1 
ATOM   351 C  "C5'" . DT  B 1 7  ? 0.574   4.682   6.197   1.00 30.95 ? 19  DT  B "C5'" 1 
ATOM   352 C  "C4'" . DT  B 1 7  ? 0.667   4.710   4.689   1.00 30.91 ? 19  DT  B "C4'" 1 
ATOM   353 O  "O4'" . DT  B 1 7  ? 0.052   3.535   4.113   1.00 29.08 ? 19  DT  B "O4'" 1 
ATOM   354 C  "C3'" . DT  B 1 7  ? -0.004  5.911   4.016   1.00 31.89 ? 19  DT  B "C3'" 1 
ATOM   355 O  "O3'" . DT  B 1 7  ? 1.028   6.816   3.600   1.00 33.59 ? 19  DT  B "O3'" 1 
ATOM   356 C  "C2'" . DT  B 1 7  ? -0.816  5.289   2.866   1.00 33.23 ? 19  DT  B "C2'" 1 
ATOM   357 C  "C1'" . DT  B 1 7  ? -0.289  3.867   2.790   1.00 27.13 ? 19  DT  B "C1'" 1 
ATOM   358 N  N1    . DT  B 1 7  ? -1.240  2.830   2.278   1.00 26.21 ? 19  DT  B N1    1 
ATOM   359 C  C2    . DT  B 1 7  ? -0.942  2.253   1.065   1.00 28.93 ? 19  DT  B C2    1 
ATOM   360 O  O2    . DT  B 1 7  ? 0.015   2.591   0.383   1.00 32.70 ? 19  DT  B O2    1 
ATOM   361 N  N3    . DT  B 1 7  ? -1.823  1.272   0.664   1.00 24.99 ? 19  DT  B N3    1 
ATOM   362 C  C4    . DT  B 1 7  ? -2.940  0.815   1.354   1.00 26.20 ? 19  DT  B C4    1 
ATOM   363 O  O4    . DT  B 1 7  ? -3.641  -0.092  0.869   1.00 24.86 ? 19  DT  B O4    1 
ATOM   364 C  C5    . DT  B 1 7  ? -3.192  1.466   2.616   1.00 26.86 ? 19  DT  B C5    1 
ATOM   365 C  C7    . DT  B 1 7  ? -4.356  1.017   3.441   1.00 31.50 ? 19  DT  B C7    1 
ATOM   366 C  C6    . DT  B 1 7  ? -2.342  2.429   3.012   1.00 24.49 ? 19  DT  B C6    1 
ATOM   367 P  P     . DT  B 1 8  ? 0.674   8.139   2.852   1.00 41.06 ? 20  DT  B P     1 
ATOM   368 O  OP1   . DT  B 1 8  ? 1.794   9.085   3.060   1.00 43.28 ? 20  DT  B OP1   1 
ATOM   369 O  OP2   . DT  B 1 8  ? -0.701  8.525   3.222   1.00 35.17 ? 20  DT  B OP2   1 
ATOM   370 O  "O5'" . DT  B 1 8  ? 0.692   7.692   1.318   1.00 39.99 ? 20  DT  B "O5'" 1 
ATOM   371 C  "C5'" . DT  B 1 8  ? 1.901   7.153   0.760   1.00 35.04 ? 20  DT  B "C5'" 1 
ATOM   372 C  "C4'" . DT  B 1 8  ? 1.713   6.786   -0.690  1.00 33.69 ? 20  DT  B "C4'" 1 
ATOM   373 O  "O4'" . DT  B 1 8  ? 0.785   5.694   -0.796  1.00 28.35 ? 20  DT  B "O4'" 1 
ATOM   374 C  "C3'" . DT  B 1 8  ? 1.163   7.895   -1.585  1.00 33.11 ? 20  DT  B "C3'" 1 
ATOM   375 O  "O3'" . DT  B 1 8  ? 1.953   7.940   -2.783  1.00 37.35 ? 20  DT  B "O3'" 1 
ATOM   376 C  "C2'" . DT  B 1 8  ? -0.271  7.460   -1.851  1.00 31.91 ? 20  DT  B "C2'" 1 
ATOM   377 C  "C1'" . DT  B 1 8  ? -0.152  5.960   -1.810  1.00 27.56 ? 20  DT  B "C1'" 1 
ATOM   378 N  N1    . DT  B 1 8  ? -1.379  5.210   -1.494  1.00 28.66 ? 20  DT  B N1    1 
ATOM   379 C  C2    . DT  B 1 8  ? -1.704  4.136   -2.289  1.00 27.06 ? 20  DT  B C2    1 
ATOM   380 O  O2    . DT  B 1 8  ? -1.092  3.847   -3.302  1.00 28.64 ? 20  DT  B O2    1 
ATOM   381 N  N3    . DT  B 1 8  ? -2.839  3.471   -1.907  1.00 25.14 ? 20  DT  B N3    1 
ATOM   382 C  C4    . DT  B 1 8  ? -3.656  3.761   -0.831  1.00 23.48 ? 20  DT  B C4    1 
ATOM   383 O  O4    . DT  B 1 8  ? -4.622  3.043   -0.585  1.00 24.66 ? 20  DT  B O4    1 
ATOM   384 C  C5    . DT  B 1 8  ? -3.233  4.865   -0.022  1.00 25.13 ? 20  DT  B C5    1 
ATOM   385 C  C7    . DT  B 1 8  ? -4.049  5.240   1.172   1.00 26.30 ? 20  DT  B C7    1 
ATOM   386 C  C6    . DT  B 1 8  ? -2.101  5.500   -0.360  1.00 27.73 ? 20  DT  B C6    1 
HETATM 387 P  P     . S6M B 1 9  ? 1.751   9.228   -3.686  1.00 34.79 ? 21  S6M B P     1 
HETATM 388 O  OP1   . S6M B 1 9  ? 2.908   9.905   -4.342  1.00 35.81 ? 21  S6M B OP1   1 
HETATM 389 O  "O5'" . S6M B 1 9  ? 0.961   8.308   -4.788  1.00 30.84 ? 21  S6M B "O5'" 1 
HETATM 390 C  "C5'" . S6M B 1 9  ? 1.680   7.495   -5.696  1.00 31.07 ? 21  S6M B "C5'" 1 
HETATM 391 C  "C4'" . S6M B 1 9  ? 0.678   6.708   -6.498  1.00 30.54 ? 21  S6M B "C4'" 1 
HETATM 392 C  "C3'" . S6M B 1 9  ? -0.207  7.529   -7.397  1.00 29.47 ? 21  S6M B "C3'" 1 
HETATM 393 O  "O3'" . S6M B 1 9  ? 0.470   7.930   -8.606  1.00 31.81 ? 21  S6M B "O3'" 1 
HETATM 394 C  "C2'" . S6M B 1 9  ? -1.388  6.616   -7.627  1.00 29.93 ? 21  S6M B "C2'" 1 
HETATM 395 C  "C1'" . S6M B 1 9  ? -1.427  5.748   -6.422  1.00 30.73 ? 21  S6M B "C1'" 1 
HETATM 396 O  "O4'" . S6M B 1 9  ? -0.275  6.081   -5.623  1.00 28.63 ? 21  S6M B "O4'" 1 
HETATM 397 N  N1    . S6M B 1 9  ? -2.570  5.886   -5.588  1.00 30.25 ? 21  S6M B N1    1 
HETATM 398 C  C6    . S6M B 1 9  ? -2.480  6.690   -4.541  1.00 29.92 ? 21  S6M B C6    1 
HETATM 399 C  C5    . S6M B 1 9  ? -3.486  6.739   -3.662  1.00 30.23 ? 21  S6M B C5    1 
HETATM 400 C  C4    . S6M B 1 9  ? -4.542  5.903   -3.822  1.00 30.50 ? 21  S6M B C4    1 
HETATM 401 N  N3    . S6M B 1 9  ? -4.594  5.050   -4.874  1.00 30.20 ? 21  S6M B N3    1 
HETATM 402 C  C2    . S6M B 1 9  ? -3.643  5.035   -5.753  1.00 28.86 ? 21  S6M B C2    1 
HETATM 403 O  O2    . S6M B 1 9  ? -3.670  4.216   -6.767  1.00 28.41 ? 21  S6M B O2    1 
HETATM 404 O  O4    . S6M B 1 9  ? -5.424  5.891   -2.980  1.00 36.48 ? 21  S6M B O4    1 
HETATM 405 O  OP2   . S6M B 1 9  ? 0.737   10.193  -3.168  1.00 31.59 ? 21  S6M B OP2   1 
HETATM 406 C  C11   . S6M B 1 9  ? -1.163  5.684   -8.758  1.00 29.76 ? 21  S6M B C11   1 
HETATM 407 C  C12   . S6M B 1 9  ? -2.301  5.257   -9.374  1.00 38.12 ? 21  S6M B C12   1 
HETATM 408 N  N13   . S6M B 1 9  ? -1.899  4.424   -10.290 1.00 36.94 ? 21  S6M B N13   1 
HETATM 409 N  N14   . S6M B 1 9  ? -0.556  4.161   -10.193 1.00 33.94 ? 21  S6M B N14   1 
HETATM 410 N  N15   . S6M B 1 9  ? -0.114  4.952   -9.133  1.00 36.71 ? 21  S6M B N15   1 
HETATM 411 C  C17   . S6M B 1 9  ? -2.631  3.688   -11.319 1.00 47.81 ? 21  S6M B C17   1 
HETATM 412 C  C18   . S6M B 1 9  ? -2.370  2.222   -11.240 1.00 49.71 ? 21  S6M B C18   1 
HETATM 413 C  C19   . S6M B 1 9  ? -3.313  1.495   -12.167 1.00 53.49 ? 21  S6M B C19   1 
HETATM 414 N  N20   . S6M B 1 9  ? -3.153  2.018   -13.570 1.00 45.52 ? 21  S6M B N20   1 
HETATM 415 C  C21   . S6M B 1 9  ? -3.051  3.497   -13.774 1.00 46.88 ? 21  S6M B C21   1 
HETATM 416 C  C22   . S6M B 1 9  ? -2.234  4.182   -12.682 1.00 48.22 ? 21  S6M B C22   1 
HETATM 417 C  C23   . S6M B 1 9  ? -2.953  0.015   -12.180 1.00 54.75 ? 21  S6M B C23   1 
HETATM 418 C  C24   . S6M B 1 9  ? -4.763  1.634   -11.686 1.00 60.97 ? 21  S6M B C24   1 
HETATM 419 C  C25   . S6M B 1 9  ? -2.318  3.707   -15.091 1.00 46.72 ? 21  S6M B C25   1 
HETATM 420 C  C26   . S6M B 1 9  ? -4.437  4.113   -13.873 1.00 46.69 ? 21  S6M B C26   1 
HETATM 421 O  O27   . S6M B 1 9  ? -4.137  1.431   -14.446 1.00 49.57 ? 21  S6M B O27   1 
ATOM   422 P  P     . DG  B 1 10 ? 0.448   9.433   -9.114  1.00 36.15 ? 22  DG  B P     1 
ATOM   423 O  OP1   . DG  B 1 10 ? 1.477   9.637   -10.159 1.00 36.70 ? 22  DG  B OP1   1 
ATOM   424 O  OP2   . DG  B 1 10 ? 0.254   10.453  -8.059  1.00 36.85 ? 22  DG  B OP2   1 
ATOM   425 O  "O5'" . DG  B 1 10 ? -0.924  9.286   -9.908  1.00 29.84 ? 22  DG  B "O5'" 1 
ATOM   426 C  "C5'" . DG  B 1 10 ? -1.041  8.464   -11.057 1.00 34.57 ? 22  DG  B "C5'" 1 
ATOM   427 C  "C4'" . DG  B 1 10 ? -2.506  8.328   -11.399 1.00 35.76 ? 22  DG  B "C4'" 1 
ATOM   428 O  "O4'" . DG  B 1 10 ? -3.192  7.815   -10.226 1.00 32.57 ? 22  DG  B "O4'" 1 
ATOM   429 C  "C3'" . DG  B 1 10 ? -3.207  9.660   -11.713 1.00 39.56 ? 22  DG  B "C3'" 1 
ATOM   430 O  "O3'" . DG  B 1 10 ? -4.385  9.462   -12.506 1.00 38.39 ? 22  DG  B "O3'" 1 
ATOM   431 C  "C2'" . DG  B 1 10 ? -3.730  10.065  -10.371 1.00 38.49 ? 22  DG  B "C2'" 1 
ATOM   432 C  "C1'" . DG  B 1 10 ? -4.214  8.724   -9.899  1.00 36.30 ? 22  DG  B "C1'" 1 
ATOM   433 N  N9    . DG  B 1 10 ? -4.493  8.618   -8.492  1.00 33.82 ? 22  DG  B N9    1 
ATOM   434 C  C8    . DG  B 1 10 ? -4.100  9.492   -7.508  1.00 37.82 ? 22  DG  B C8    1 
ATOM   435 N  N7    . DG  B 1 10 ? -4.675  9.259   -6.363  1.00 35.60 ? 22  DG  B N7    1 
ATOM   436 C  C5    . DG  B 1 10 ? -5.571  8.236   -6.633  1.00 29.64 ? 22  DG  B C5    1 
ATOM   437 C  C6    . DG  B 1 10 ? -6.474  7.562   -5.781  1.00 31.76 ? 22  DG  B C6    1 
ATOM   438 O  O6    . DG  B 1 10 ? -6.700  7.764   -4.589  1.00 34.40 ? 22  DG  B O6    1 
ATOM   439 N  N1    . DG  B 1 10 ? -7.175  6.570   -6.461  1.00 30.71 ? 22  DG  B N1    1 
ATOM   440 C  C2    . DG  B 1 10 ? -7.001  6.246   -7.779  1.00 33.80 ? 22  DG  B C2    1 
ATOM   441 N  N2    . DG  B 1 10 ? -7.787  5.268   -8.257  1.00 34.32 ? 22  DG  B N2    1 
ATOM   442 N  N3    . DG  B 1 10 ? -6.174  6.881   -8.591  1.00 30.96 ? 22  DG  B N3    1 
ATOM   443 C  C4    . DG  B 1 10 ? -5.488  7.849   -7.951  1.00 31.50 ? 22  DG  B C4    1 
ATOM   444 P  P     . DC  B 1 11 ? -4.413  9.906   -14.034 1.00 37.28 ? 23  DC  B P     1 
ATOM   445 O  OP1   . DC  B 1 11 ? -3.258  9.284   -14.686 1.00 47.57 ? 23  DC  B OP1   1 
ATOM   446 O  OP2   . DC  B 1 11 ? -4.547  11.364  -14.058 1.00 32.07 ? 23  DC  B OP2   1 
ATOM   447 O  "O5'" . DC  B 1 11 ? -5.739  9.202   -14.560 1.00 35.06 ? 23  DC  B "O5'" 1 
ATOM   448 C  "C5'" . DC  B 1 11 ? -5.860  7.754   -14.485 1.00 38.42 ? 23  DC  B "C5'" 1 
ATOM   449 C  "C4'" . DC  B 1 11 ? -7.268  7.339   -14.121 1.00 34.10 ? 23  DC  B "C4'" 1 
ATOM   450 O  "O4'" . DC  B 1 11 ? -7.459  7.345   -12.666 1.00 27.06 ? 23  DC  B "O4'" 1 
ATOM   451 C  "C3'" . DC  B 1 11 ? -8.368  8.235   -14.683 1.00 32.20 ? 23  DC  B "C3'" 1 
ATOM   452 O  "O3'" . DC  B 1 11 ? -9.503  7.449   -15.032 1.00 37.37 ? 23  DC  B "O3'" 1 
ATOM   453 C  "C2'" . DC  B 1 11 ? -8.705  9.131   -13.513 1.00 30.45 ? 23  DC  B "C2'" 1 
ATOM   454 C  "C1'" . DC  B 1 11 ? -8.593  8.165   -12.364 1.00 28.70 ? 23  DC  B "C1'" 1 
ATOM   455 N  N1    . DC  B 1 11 ? -8.370  8.797   -11.069 1.00 28.57 ? 23  DC  B N1    1 
ATOM   456 C  C2    . DC  B 1 11 ? -9.057  8.315   -9.949  1.00 28.89 ? 23  DC  B C2    1 
ATOM   457 O  O2    . DC  B 1 11 ? -9.814  7.343   -10.082 1.00 22.13 ? 23  DC  B O2    1 
ATOM   458 N  N3    . DC  B 1 11 ? -8.890  8.934   -8.756  1.00 26.31 ? 23  DC  B N3    1 
ATOM   459 C  C4    . DC  B 1 11 ? -8.114  10.020  -8.673  1.00 27.95 ? 23  DC  B C4    1 
ATOM   460 N  N4    . DC  B 1 11 ? -7.982  10.606  -7.484  1.00 30.61 ? 23  DC  B N4    1 
ATOM   461 C  C5    . DC  B 1 11 ? -7.402  10.524  -9.796  1.00 29.74 ? 23  DC  B C5    1 
ATOM   462 C  C6    . DC  B 1 11 ? -7.593  9.918   -10.970 1.00 28.32 ? 23  DC  B C6    1 
ATOM   463 P  P     . DG  B 1 12 ? -10.429 7.856   -16.309 1.00 41.38 ? 24  DG  B P     1 
ATOM   464 O  OP1   . DG  B 1 12 ? -11.388 6.753   -16.530 1.00 50.04 ? 24  DG  B OP1   1 
ATOM   465 O  OP2   . DG  B 1 12 ? -9.514  8.274   -17.428 1.00 35.66 ? 24  DG  B OP2   1 
ATOM   466 O  "O5'" . DG  B 1 12 ? -11.235 9.121   -15.773 1.00 35.44 ? 24  DG  B "O5'" 1 
ATOM   467 C  "C5'" . DG  B 1 12 ? -12.266 8.968   -14.729 1.00 31.88 ? 24  DG  B "C5'" 1 
ATOM   468 C  "C4'" . DG  B 1 12 ? -12.898 10.297  -14.395 1.00 35.03 ? 24  DG  B "C4'" 1 
ATOM   469 O  "O4'" . DG  B 1 12 ? -11.896 11.206  -13.861 1.00 32.12 ? 24  DG  B "O4'" 1 
ATOM   470 C  "C3'" . DG  B 1 12 ? -13.549 11.026  -15.575 1.00 36.79 ? 24  DG  B "C3'" 1 
ATOM   471 O  "O3'" . DG  B 1 12 ? -14.973 10.806  -15.585 1.00 43.20 ? 24  DG  B "O3'" 1 
ATOM   472 C  "C2'" . DG  B 1 12 ? -13.231 12.479  -15.310 1.00 34.04 ? 24  DG  B "C2'" 1 
ATOM   473 C  "C1'" . DG  B 1 12 ? -11.888 12.409  -14.616 1.00 32.63 ? 24  DG  B "C1'" 1 
ATOM   474 N  N9    . DG  B 1 12 ? -10.746 12.357  -15.498 1.00 31.53 ? 24  DG  B N9    1 
ATOM   475 C  C8    . DG  B 1 12 ? -10.737 12.091  -16.847 1.00 40.48 ? 24  DG  B C8    1 
ATOM   476 N  N7    . DG  B 1 12 ? -9.530  11.979  -17.337 1.00 37.94 ? 24  DG  B N7    1 
ATOM   477 C  C5    . DG  B 1 12 ? -8.700  12.141  -16.236 1.00 34.86 ? 24  DG  B C5    1 
ATOM   478 C  C6    . DG  B 1 12 ? -7.288  12.070  -16.134 1.00 38.80 ? 24  DG  B C6    1 
ATOM   479 O  O6    . DG  B 1 12 ? -6.457  11.891  -17.032 1.00 38.52 ? 24  DG  B O6    1 
ATOM   480 N  N1    . DG  B 1 12 ? -6.862  12.283  -14.829 1.00 33.14 ? 24  DG  B N1    1 
ATOM   481 C  C2    . DG  B 1 12 ? -7.688  12.480  -13.753 1.00 31.85 ? 24  DG  B C2    1 
ATOM   482 N  N2    . DG  B 1 12 ? -7.086  12.646  -12.568 1.00 31.46 ? 24  DG  B N2    1 
ATOM   483 N  N3    . DG  B 1 12 ? -9.006  12.511  -13.831 1.00 28.28 ? 24  DG  B N3    1 
ATOM   484 C  C4    . DG  B 1 12 ? -9.440  12.339  -15.090 1.00 33.38 ? 24  DG  B C4    1 
HETATM 485 CO CO    . NCO C 2 .  ? 4.158   4.621   -10.149 0.50 32.97 ? 101 NCO A CO    1 
HETATM 486 N  N1    . NCO C 2 .  ? 5.562   4.057   -8.832  0.50 29.68 ? 101 NCO A N1    1 
HETATM 487 N  N2    . NCO C 2 .  ? 2.795   5.235   -11.414 0.50 30.53 ? 101 NCO A N2    1 
HETATM 488 N  N3    . NCO C 2 .  ? 3.582   5.992   -8.858  0.50 31.21 ? 101 NCO A N3    1 
HETATM 489 N  N4    . NCO C 2 .  ? 2.893   3.322   -9.328  0.50 32.90 ? 101 NCO A N4    1 
HETATM 490 N  N5    . NCO C 2 .  ? 4.795   3.256   -11.433 0.50 30.78 ? 101 NCO A N5    1 
HETATM 491 N  N6    . NCO C 2 .  ? 5.407   5.904   -10.945 0.50 30.11 ? 101 NCO A N6    1 
HETATM 492 CO CO    . NCO D 2 .  ? 3.181   4.219   10.550  0.50 15.55 ? 102 NCO A CO    1 
HETATM 493 N  N1    . NCO D 2 .  ? 3.725   2.883   11.939  0.50 18.05 ? 102 NCO A N1    1 
HETATM 494 N  N2    . NCO D 2 .  ? 2.693   5.515   9.133   0.50 17.74 ? 102 NCO A N2    1 
HETATM 495 N  N3    . NCO D 2 .  ? 1.562   4.718   11.514  0.50 15.58 ? 102 NCO A N3    1 
HETATM 496 N  N4    . NCO D 2 .  ? 2.161   2.845   9.634   0.50 15.64 ? 102 NCO A N4    1 
HETATM 497 N  N5    . NCO D 2 .  ? 4.759   3.917   9.462   0.50 16.51 ? 102 NCO A N5    1 
HETATM 498 N  N6    . NCO D 2 .  ? 4.271   5.560   11.531  0.50 16.12 ? 102 NCO A N6    1 
HETATM 499 CO CO    . NCO E 2 .  ? 7.933   -6.321  20.496  1.00 40.33 ? 103 NCO A CO    1 
HETATM 500 N  N1    . NCO E 2 .  ? 9.564   -7.492  20.397  1.00 40.18 ? 103 NCO A N1    1 
HETATM 501 N  N2    . NCO E 2 .  ? 6.389   -5.092  20.614  1.00 34.95 ? 103 NCO A N2    1 
HETATM 502 N  N3    . NCO E 2 .  ? 7.657   -6.910  22.386  1.00 38.97 ? 103 NCO A N3    1 
HETATM 503 N  N4    . NCO E 2 .  ? 6.792   -7.827  19.857  1.00 43.84 ? 103 NCO A N4    1 
HETATM 504 N  N5    . NCO E 2 .  ? 8.244   -5.718  18.628  1.00 32.59 ? 103 NCO A N5    1 
HETATM 505 N  N6    . NCO E 2 .  ? 9.093   -4.848  21.140  1.00 38.04 ? 103 NCO A N6    1 
HETATM 506 CO CO    . NCO F 2 .  ? -1.662  11.794  -17.318 0.50 28.89 ? 101 NCO B CO    1 
HETATM 507 N  N1    . NCO F 2 .  ? -1.215  9.893   -17.062 0.50 30.64 ? 101 NCO B N1    1 
HETATM 508 N  N2    . NCO F 2 .  ? -2.097  13.694  -17.620 0.50 31.46 ? 101 NCO B N2    1 
HETATM 509 N  N3    . NCO F 2 .  ? -2.084  12.007  -15.389 0.50 30.70 ? 101 NCO B N3    1 
HETATM 510 N  N4    . NCO F 2 .  ? -3.533  11.298  -17.682 0.50 30.04 ? 101 NCO B N4    1 
HETATM 511 N  N5    . NCO F 2 .  ? -1.241  11.596  -19.258 0.50 26.25 ? 101 NCO B N5    1 
HETATM 512 N  N6    . NCO F 2 .  ? 0.194   12.290  -16.901 0.50 29.21 ? 101 NCO B N6    1 
HETATM 513 O  O     . HOH G 3 .  ? 13.275  -2.791  13.016  1.00 38.42 ? 201 HOH A O     1 
HETATM 514 O  O     . HOH G 3 .  ? -6.249  0.898   -8.976  1.00 43.63 ? 202 HOH A O     1 
HETATM 515 O  O     . HOH G 3 .  ? 0.560   1.597   12.162  1.00 16.79 ? 203 HOH A O     1 
HETATM 516 O  O     . HOH G 3 .  ? 3.446   3.690   2.698   1.00 26.56 ? 204 HOH A O     1 
HETATM 517 O  O     . HOH H 3 .  ? 2.615   3.133   -0.082  1.00 33.29 ? 201 HOH B O     1 
HETATM 518 O  O     . HOH H 3 .  ? 1.241   2.950   -4.359  1.00 24.06 ? 202 HOH B O     1 
HETATM 519 O  O     . HOH H 3 .  ? 3.586   3.987   -2.361  1.00 33.60 ? 203 HOH B O     1 
# 
